data_3KNT
#
_entry.id   3KNT
#
_cell.length_a   54.800
_cell.length_b   150.030
_cell.length_c   90.270
_cell.angle_alpha   90.00
_cell.angle_beta   107.53
_cell.angle_gamma   90.00
#
_symmetry.space_group_name_H-M   'P 1 21 1'
#
loop_
_entity.id
_entity.type
_entity.pdbx_description
1 polymer 'N-glycosylase/DNA lyase'
2 polymer "5'-D(*AP*CP*GP*TP*CP*CP*AP*(8OG)P*GP*TP*CP*TP*AP*CP*C)-3'"
3 polymer "5'-D(*TP*GP*GP*TP*AP*GP*AP*CP*CP*TP*GP*GP*AP*CP*G)-3'"
4 non-polymer 'SODIUM ION'
5 water water
#
loop_
_entity_poly.entity_id
_entity_poly.type
_entity_poly.pdbx_seq_one_letter_code
_entity_poly.pdbx_strand_id
1 'polypeptide(L)'
;MMLIKKIEELKNSEIKDIIDKRIQEFKSFKNKSNEEWFKELCFCILTANFTAEGGIRIQKEIGDGFLTLPREELEEKLKN
LGHRFYRKRAEYIVLARRFKNIKDIVESFENEKVAREFLVRNIKGIGYQEASHFLRNVGYDDVAIIDRHILRELYENNYI
DEIPKTLSRRKYLEIENILRDIGEEVNLKLSELDLYIWYLRTGKVLK
;
A,B,C,D
2 'polydeoxyribonucleotide' (DA)(DC)(DG)(DT)(DC)(DC)(DA)(8OG)(DG)(DT)(DC)(DT)(DA)(DC)(DC) E,G,I,K
3 'polydeoxyribonucleotide' (DT)(DG)(DG)(DT)(DA)(DG)(DA)(DC)(DC)(DT)(DG)(DG)(DA)(DC)(DG) F,H,J,L
#
loop_
_chem_comp.id
_chem_comp.type
_chem_comp.name
_chem_comp.formula
8OG DNA linking 8-OXO-2'-DEOXY-GUANOSINE-5'-MONOPHOSPHATE 'C10 H14 N5 O8 P'
DA DNA linking 2'-DEOXYADENOSINE-5'-MONOPHOSPHATE 'C10 H14 N5 O6 P'
DC DNA linking 2'-DEOXYCYTIDINE-5'-MONOPHOSPHATE 'C9 H14 N3 O7 P'
DG DNA linking 2'-DEOXYGUANOSINE-5'-MONOPHOSPHATE 'C10 H14 N5 O7 P'
DT DNA linking THYMIDINE-5'-MONOPHOSPHATE 'C10 H15 N2 O8 P'
NA non-polymer 'SODIUM ION' 'Na 1'
#
# COMPACT_ATOMS: atom_id res chain seq x y z
N MET A 1 7.49 10.16 1.30
CA MET A 1 7.78 11.55 1.62
C MET A 1 7.30 11.91 3.03
N MET A 2 6.15 11.38 3.41
CA MET A 2 5.57 11.68 4.71
C MET A 2 6.49 11.27 5.86
N LEU A 3 7.11 10.10 5.71
CA LEU A 3 8.02 9.60 6.73
C LEU A 3 9.16 10.60 6.96
N ILE A 4 9.73 11.09 5.87
CA ILE A 4 10.79 12.08 5.94
C ILE A 4 10.33 13.28 6.77
N LYS A 5 9.04 13.62 6.64
CA LYS A 5 8.48 14.78 7.33
C LYS A 5 8.35 14.51 8.82
N LYS A 6 7.77 13.36 9.17
CA LYS A 6 7.60 12.97 10.56
C LYS A 6 8.92 13.02 11.32
N ILE A 7 10.00 12.65 10.64
CA ILE A 7 11.32 12.57 11.28
C ILE A 7 11.82 13.91 11.80
N GLU A 8 12.01 14.86 10.89
CA GLU A 8 12.59 16.15 11.25
C GLU A 8 11.82 16.90 12.32
N GLU A 9 10.49 16.80 12.29
CA GLU A 9 9.68 17.45 13.31
C GLU A 9 9.92 16.81 14.68
N LEU A 10 10.37 15.57 14.67
CA LEU A 10 10.80 14.89 15.90
C LEU A 10 12.17 15.41 16.30
N LYS A 11 13.00 15.69 15.30
CA LYS A 11 14.33 16.24 15.54
C LYS A 11 14.25 17.62 16.17
N ASN A 12 13.09 18.26 16.01
CA ASN A 12 12.85 19.57 16.61
C ASN A 12 12.01 19.46 17.88
N SER A 13 11.51 18.27 18.15
CA SER A 13 10.63 18.06 19.30
C SER A 13 11.40 17.68 20.56
N GLU A 14 10.65 17.48 21.64
CA GLU A 14 11.24 17.08 22.93
C GLU A 14 11.93 15.74 22.81
N ILE A 15 11.61 15.01 21.75
CA ILE A 15 12.13 13.66 21.55
C ILE A 15 13.59 13.65 21.12
N LYS A 16 14.05 14.75 20.52
CA LYS A 16 15.41 14.85 20.02
C LYS A 16 16.43 14.93 21.16
N ASP A 17 15.94 14.85 22.40
CA ASP A 17 16.80 14.90 23.57
C ASP A 17 16.81 13.57 24.33
N ILE A 18 15.67 12.91 24.42
CA ILE A 18 15.56 11.61 25.06
C ILE A 18 16.38 10.58 24.29
N ILE A 19 16.27 10.61 22.97
CA ILE A 19 17.04 9.74 22.10
C ILE A 19 18.53 10.01 22.24
N ASP A 20 18.89 11.28 22.37
CA ASP A 20 20.30 11.67 22.48
C ASP A 20 20.94 11.22 23.79
N LYS A 21 20.22 11.39 24.91
CA LYS A 21 20.71 10.92 26.19
C LYS A 21 20.80 9.40 26.16
N ARG A 22 20.01 8.80 25.29
CA ARG A 22 19.94 7.35 25.15
C ARG A 22 21.09 6.81 24.29
N ILE A 23 21.46 7.57 23.26
CA ILE A 23 22.52 7.16 22.35
C ILE A 23 23.89 7.15 23.03
N GLN A 24 24.13 8.13 23.91
CA GLN A 24 25.39 8.18 24.64
C GLN A 24 25.40 7.18 25.79
N GLU A 25 24.22 6.66 26.14
CA GLU A 25 24.13 5.61 27.14
C GLU A 25 24.72 4.31 26.58
N PHE A 26 24.72 4.19 25.27
CA PHE A 26 25.32 3.04 24.60
C PHE A 26 26.83 3.23 24.47
N LYS A 27 27.25 4.40 24.01
CA LYS A 27 28.67 4.69 23.82
C LYS A 27 29.46 4.46 25.09
N SER A 28 28.79 4.60 26.24
CA SER A 28 29.43 4.45 27.54
C SER A 28 29.72 2.99 27.85
N PHE A 29 29.52 2.12 26.87
CA PHE A 29 29.87 0.71 27.02
C PHE A 29 31.34 0.49 26.74
N LYS A 30 32.01 1.53 26.23
CA LYS A 30 33.43 1.44 25.95
C LYS A 30 34.18 1.26 27.26
N ASN A 31 33.50 1.58 28.37
CA ASN A 31 34.12 1.50 29.69
C ASN A 31 33.45 0.50 30.61
N LYS A 32 33.01 -0.63 30.06
CA LYS A 32 32.35 -1.66 30.83
C LYS A 32 32.95 -3.03 30.57
N SER A 33 32.92 -3.90 31.57
CA SER A 33 33.55 -5.22 31.49
C SER A 33 32.80 -6.15 30.56
N ASN A 34 33.40 -7.30 30.28
CA ASN A 34 32.78 -8.32 29.44
C ASN A 34 31.42 -8.71 29.98
N GLU A 35 31.35 -8.93 31.29
CA GLU A 35 30.11 -9.34 31.94
C GLU A 35 28.95 -8.41 31.62
N GLU A 36 29.21 -7.10 31.70
CA GLU A 36 28.17 -6.11 31.39
C GLU A 36 27.73 -6.19 29.94
N TRP A 37 28.69 -6.43 29.05
CA TRP A 37 28.40 -6.62 27.64
C TRP A 37 27.63 -7.91 27.41
N PHE A 38 28.05 -8.97 28.08
CA PHE A 38 27.36 -10.25 28.01
C PHE A 38 25.92 -10.10 28.49
N LYS A 39 25.74 -9.35 29.58
CA LYS A 39 24.40 -9.10 30.10
C LYS A 39 23.53 -8.46 29.02
N GLU A 40 24.14 -7.62 28.20
CA GLU A 40 23.45 -7.00 27.07
C GLU A 40 23.15 -8.02 25.99
N LEU A 41 24.18 -8.79 25.61
CA LEU A 41 24.01 -9.85 24.63
C LEU A 41 22.84 -10.74 25.04
N CYS A 42 22.72 -10.99 26.33
CA CYS A 42 21.66 -11.83 26.87
C CYS A 42 20.32 -11.14 26.75
N PHE A 43 20.30 -9.84 27.01
CA PHE A 43 19.09 -9.06 26.87
C PHE A 43 18.54 -9.17 25.45
N CYS A 44 19.42 -9.18 24.47
CA CYS A 44 19.02 -9.24 23.07
C CYS A 44 18.42 -10.60 22.70
N ILE A 45 19.01 -11.67 23.25
CA ILE A 45 18.48 -13.02 23.04
C ILE A 45 17.07 -13.13 23.60
N LEU A 46 16.83 -12.42 24.70
CA LEU A 46 15.52 -12.44 25.34
C LEU A 46 14.48 -11.75 24.50
N THR A 47 14.93 -10.82 23.65
CA THR A 47 14.02 -9.96 22.92
C THR A 47 13.43 -10.61 21.67
N ALA A 48 14.10 -11.63 21.14
CA ALA A 48 13.63 -12.32 19.95
C ALA A 48 12.18 -12.74 20.10
N ASN A 49 11.31 -12.17 19.27
CA ASN A 49 9.89 -12.46 19.30
C ASN A 49 9.31 -12.24 20.69
N PHE A 50 9.74 -11.16 21.33
CA PHE A 50 9.30 -10.83 22.68
C PHE A 50 9.24 -9.32 22.83
N THR A 51 8.93 -8.85 24.03
CA THR A 51 8.77 -7.42 24.27
C THR A 51 10.07 -6.76 24.69
N ALA A 52 10.27 -5.52 24.25
CA ALA A 52 11.42 -4.73 24.66
C ALA A 52 11.32 -4.38 26.14
N GLU A 53 10.09 -4.08 26.59
CA GLU A 53 9.85 -3.79 28.00
C GLU A 53 10.15 -5.00 28.86
N GLY A 54 9.60 -6.14 28.48
CA GLY A 54 9.78 -7.37 29.22
C GLY A 54 11.24 -7.71 29.46
N GLY A 55 12.05 -7.63 28.41
CA GLY A 55 13.45 -7.98 28.49
C GLY A 55 14.28 -7.03 29.33
N ILE A 56 13.73 -5.86 29.62
CA ILE A 56 14.44 -4.86 30.40
C ILE A 56 14.34 -5.12 31.90
N ARG A 57 13.18 -5.55 32.35
CA ARG A 57 13.02 -5.87 33.77
C ARG A 57 13.63 -7.23 34.07
N ILE A 58 13.45 -8.19 33.17
CA ILE A 58 14.00 -9.53 33.35
C ILE A 58 15.51 -9.47 33.52
N GLN A 59 16.14 -8.54 32.81
CA GLN A 59 17.58 -8.35 32.92
C GLN A 59 17.93 -7.60 34.19
N LYS A 60 16.98 -6.79 34.68
CA LYS A 60 17.20 -5.99 35.88
C LYS A 60 16.99 -6.82 37.14
N GLU A 61 15.99 -7.70 37.09
CA GLU A 61 15.66 -8.57 38.22
C GLU A 61 16.67 -9.71 38.33
N ILE A 62 17.11 -10.22 37.18
CA ILE A 62 18.07 -11.30 37.14
C ILE A 62 19.51 -10.79 37.21
N GLY A 63 19.72 -9.58 36.70
CA GLY A 63 21.03 -8.94 36.76
C GLY A 63 22.16 -9.81 36.25
N ASP A 64 23.21 -9.96 37.07
CA ASP A 64 24.36 -10.76 36.69
C ASP A 64 24.10 -12.25 36.84
N GLY A 65 22.83 -12.65 36.74
CA GLY A 65 22.44 -14.04 36.89
C GLY A 65 22.67 -14.86 35.65
N PHE A 66 22.80 -14.19 34.50
CA PHE A 66 23.04 -14.87 33.23
C PHE A 66 24.41 -15.54 33.18
N LEU A 67 25.19 -15.37 34.25
CA LEU A 67 26.56 -15.87 34.27
C LEU A 67 26.81 -16.98 35.29
N THR A 68 26.02 -17.00 36.35
CA THR A 68 26.22 -17.96 37.43
C THR A 68 25.13 -19.02 37.52
N LEU A 69 23.88 -18.59 37.34
CA LEU A 69 22.74 -19.50 37.47
C LEU A 69 22.79 -20.67 36.50
N PRO A 70 22.71 -21.90 37.02
CA PRO A 70 22.66 -23.12 36.20
C PRO A 70 21.42 -23.14 35.33
N ARG A 71 21.46 -23.92 34.25
CA ARG A 71 20.33 -24.04 33.33
C ARG A 71 18.99 -24.14 34.07
N GLU A 72 18.84 -25.19 34.86
CA GLU A 72 17.60 -25.45 35.59
C GLU A 72 17.07 -24.22 36.33
N GLU A 73 17.95 -23.51 37.03
CA GLU A 73 17.54 -22.36 37.80
C GLU A 73 17.28 -21.13 36.93
N LEU A 74 18.06 -20.99 35.87
CA LEU A 74 17.88 -19.90 34.93
C LEU A 74 16.55 -20.02 34.21
N GLU A 75 16.26 -21.22 33.70
CA GLU A 75 14.98 -21.51 33.07
C GLU A 75 13.84 -21.26 34.05
N GLU A 76 14.09 -21.57 35.32
CA GLU A 76 13.10 -21.35 36.36
C GLU A 76 12.82 -19.86 36.55
N LYS A 77 13.86 -19.06 36.61
CA LYS A 77 13.72 -17.62 36.70
C LYS A 77 12.99 -17.07 35.47
N LEU A 78 13.36 -17.59 34.30
CA LEU A 78 12.75 -17.15 33.06
C LEU A 78 11.30 -17.60 32.93
N LYS A 79 10.93 -18.61 33.72
CA LYS A 79 9.55 -19.07 33.75
C LYS A 79 8.73 -18.22 34.72
N ASN A 80 9.28 -18.01 35.91
CA ASN A 80 8.61 -17.21 36.92
C ASN A 80 8.48 -15.75 36.51
N LEU A 81 9.55 -15.17 36.00
CA LEU A 81 9.53 -13.78 35.55
C LEU A 81 8.69 -13.62 34.29
N GLY A 82 8.06 -14.71 33.86
CA GLY A 82 7.10 -14.68 32.77
C GLY A 82 7.66 -14.36 31.40
N HIS A 83 8.59 -15.20 30.93
CA HIS A 83 9.09 -15.07 29.58
C HIS A 83 8.38 -16.07 28.67
N ARG A 84 8.14 -15.68 27.43
CA ARG A 84 7.42 -16.54 26.50
C ARG A 84 8.08 -17.90 26.36
N PHE A 85 9.37 -17.92 26.06
CA PHE A 85 10.11 -19.16 25.86
C PHE A 85 11.18 -19.33 26.92
N TYR A 86 10.78 -19.83 28.09
CA TYR A 86 11.67 -19.92 29.23
C TYR A 86 12.72 -21.02 29.10
N ARG A 87 12.48 -21.99 28.22
CA ARG A 87 13.39 -23.12 28.05
C ARG A 87 14.48 -22.84 27.01
N LYS A 88 14.06 -22.56 25.77
CA LYS A 88 14.99 -22.26 24.69
C LYS A 88 15.94 -21.11 25.04
N ARG A 89 15.37 -19.98 25.45
CA ARG A 89 16.18 -18.81 25.79
C ARG A 89 17.14 -19.10 26.94
N ALA A 90 16.75 -20.02 27.81
CA ALA A 90 17.61 -20.44 28.91
C ALA A 90 18.80 -21.23 28.38
N GLU A 91 18.57 -21.98 27.31
CA GLU A 91 19.62 -22.78 26.70
C GLU A 91 20.64 -21.90 25.98
N TYR A 92 20.15 -20.98 25.15
CA TYR A 92 21.02 -20.10 24.39
C TYR A 92 21.99 -19.34 25.29
N ILE A 93 21.46 -18.84 26.41
CA ILE A 93 22.25 -18.05 27.34
C ILE A 93 23.43 -18.84 27.90
N VAL A 94 23.22 -20.13 28.15
CA VAL A 94 24.26 -20.99 28.68
C VAL A 94 25.32 -21.31 27.63
N LEU A 95 24.88 -21.65 26.42
CA LEU A 95 25.80 -21.97 25.34
C LEU A 95 26.69 -20.78 25.01
N ALA A 96 26.11 -19.58 25.10
CA ALA A 96 26.86 -18.36 24.81
C ALA A 96 27.93 -18.10 25.86
N ARG A 97 27.82 -18.77 27.00
CA ARG A 97 28.78 -18.57 28.08
C ARG A 97 30.18 -19.00 27.70
N ARG A 98 30.31 -19.59 26.51
CA ARG A 98 31.63 -19.94 26.00
C ARG A 98 32.29 -18.72 25.36
N PHE A 99 31.64 -17.58 25.51
CA PHE A 99 32.18 -16.31 25.05
C PHE A 99 31.95 -15.23 26.10
N LYS A 100 31.94 -15.62 27.37
CA LYS A 100 31.60 -14.68 28.44
C LYS A 100 32.53 -13.47 28.50
N ASN A 101 33.61 -13.51 27.73
CA ASN A 101 34.44 -12.32 27.52
C ASN A 101 34.13 -11.70 26.16
N ILE A 102 32.85 -11.40 25.94
CA ILE A 102 32.37 -10.97 24.64
C ILE A 102 32.96 -9.63 24.19
N LYS A 103 33.28 -8.78 25.15
CA LYS A 103 33.90 -7.49 24.84
C LYS A 103 35.24 -7.67 24.14
N ASP A 104 36.05 -8.57 24.67
CA ASP A 104 37.37 -8.84 24.11
C ASP A 104 37.26 -9.37 22.69
N ILE A 105 36.22 -10.15 22.44
CA ILE A 105 36.01 -10.78 21.13
C ILE A 105 35.50 -9.79 20.09
N VAL A 106 34.58 -8.92 20.50
CA VAL A 106 33.97 -7.97 19.57
C VAL A 106 34.92 -6.82 19.20
N GLU A 107 35.52 -6.21 20.21
CA GLU A 107 36.42 -5.08 19.98
C GLU A 107 37.65 -5.50 19.17
N SER A 108 37.95 -6.80 19.16
CA SER A 108 39.11 -7.32 18.46
C SER A 108 38.92 -7.22 16.94
N PHE A 109 37.69 -7.45 16.49
CA PHE A 109 37.37 -7.35 15.07
C PHE A 109 37.62 -5.96 14.54
N GLU A 110 38.19 -5.88 13.35
CA GLU A 110 38.54 -4.60 12.73
C GLU A 110 37.41 -3.58 12.81
N ASN A 111 36.19 -4.01 12.48
CA ASN A 111 35.04 -3.11 12.52
C ASN A 111 33.81 -3.71 13.20
N GLU A 112 32.64 -3.33 12.72
CA GLU A 112 31.37 -3.75 13.30
C GLU A 112 30.60 -4.72 12.42
N LYS A 113 30.55 -4.43 11.12
CA LYS A 113 29.83 -5.28 10.18
C LYS A 113 30.43 -6.68 10.14
N VAL A 114 31.76 -6.75 10.28
CA VAL A 114 32.47 -8.02 10.27
C VAL A 114 32.32 -8.76 11.59
N ALA A 115 32.19 -8.01 12.68
CA ALA A 115 31.97 -8.61 14.00
C ALA A 115 30.55 -9.16 14.09
N ARG A 116 29.61 -8.45 13.51
CA ARG A 116 28.22 -8.90 13.46
C ARG A 116 28.14 -10.28 12.79
N GLU A 117 28.92 -10.45 11.74
CA GLU A 117 28.95 -11.69 10.98
C GLU A 117 29.40 -12.85 11.87
N PHE A 118 30.26 -12.54 12.83
CA PHE A 118 30.81 -13.56 13.72
C PHE A 118 29.79 -14.01 14.76
N LEU A 119 29.01 -13.06 15.27
CA LEU A 119 28.02 -13.35 16.30
C LEU A 119 26.91 -14.25 15.78
N VAL A 120 26.61 -14.16 14.49
CA VAL A 120 25.40 -14.77 13.94
C VAL A 120 25.45 -16.26 13.69
N ARG A 121 26.56 -16.71 13.11
CA ARG A 121 26.77 -18.11 12.76
C ARG A 121 27.42 -18.89 13.89
N ASN A 122 27.94 -18.16 14.85
CA ASN A 122 28.66 -18.76 15.98
C ASN A 122 27.86 -18.76 17.30
N ILE A 123 26.68 -18.16 17.30
CA ILE A 123 25.82 -18.17 18.49
C ILE A 123 24.37 -18.48 18.17
N LYS A 124 23.91 -19.59 18.71
CA LYS A 124 22.51 -19.95 18.63
C LYS A 124 21.79 -18.82 19.34
N GLY A 125 20.58 -18.52 18.89
CA GLY A 125 19.75 -17.53 19.57
C GLY A 125 19.92 -16.15 18.99
N ILE A 126 21.03 -15.95 18.29
CA ILE A 126 21.39 -14.66 17.72
C ILE A 126 21.35 -14.72 16.21
N GLY A 127 20.34 -14.08 15.64
CA GLY A 127 20.25 -13.92 14.20
C GLY A 127 20.77 -12.54 13.86
N TYR A 128 20.64 -12.14 12.59
CA TYR A 128 21.17 -10.86 12.14
C TYR A 128 20.59 -9.67 12.88
N GLN A 129 19.30 -9.72 13.19
CA GLN A 129 18.63 -8.62 13.87
C GLN A 129 19.14 -8.45 15.30
N GLU A 130 18.96 -9.47 16.13
CA GLU A 130 19.40 -9.41 17.52
C GLU A 130 20.92 -9.36 17.63
N ALA A 131 21.59 -9.34 16.47
CA ALA A 131 23.04 -9.16 16.43
C ALA A 131 23.34 -7.67 16.26
N SER A 132 22.66 -7.06 15.30
CA SER A 132 22.77 -5.62 15.07
C SER A 132 22.26 -4.87 16.30
N HIS A 133 21.21 -5.42 16.90
CA HIS A 133 20.62 -4.82 18.10
C HIS A 133 21.59 -4.82 19.28
N PHE A 134 22.45 -5.83 19.35
CA PHE A 134 23.44 -5.92 20.41
C PHE A 134 24.56 -4.90 20.23
N LEU A 135 25.10 -4.83 19.01
CA LEU A 135 26.18 -3.90 18.71
C LEU A 135 25.73 -2.46 18.89
N ARG A 136 24.51 -2.17 18.43
CA ARG A 136 23.93 -0.84 18.59
C ARG A 136 23.80 -0.53 20.08
N ASN A 137 23.31 -1.49 20.84
CA ASN A 137 23.11 -1.30 22.28
C ASN A 137 24.42 -1.16 23.05
N VAL A 138 25.54 -1.50 22.41
CA VAL A 138 26.83 -1.38 23.07
C VAL A 138 27.69 -0.28 22.44
N GLY A 139 27.06 0.55 21.62
CA GLY A 139 27.70 1.77 21.13
C GLY A 139 28.08 1.80 19.67
N TYR A 140 27.45 0.96 18.86
CA TYR A 140 27.74 0.95 17.42
C TYR A 140 26.63 1.59 16.60
N ASP A 141 27.02 2.29 15.54
CA ASP A 141 26.09 3.13 14.80
C ASP A 141 25.74 2.60 13.42
N ASP A 142 26.75 2.19 12.66
CA ASP A 142 26.56 1.85 11.26
C ASP A 142 25.89 0.49 11.04
N VAL A 143 24.97 0.13 11.93
CA VAL A 143 24.20 -1.10 11.79
C VAL A 143 22.73 -0.84 12.13
N ALA A 144 21.83 -1.37 11.32
CA ALA A 144 20.39 -1.14 11.51
C ALA A 144 19.69 -2.35 12.11
N ILE A 145 18.75 -2.08 13.02
CA ILE A 145 17.95 -3.15 13.62
C ILE A 145 16.62 -3.27 12.88
N ILE A 146 16.50 -4.32 12.06
CA ILE A 146 15.31 -4.52 11.27
C ILE A 146 14.35 -5.51 11.95
N ASP A 147 13.45 -4.98 12.75
CA ASP A 147 12.50 -5.81 13.48
C ASP A 147 11.10 -5.64 12.90
N ARG A 148 10.13 -6.30 13.50
CA ARG A 148 8.74 -6.24 13.05
C ARG A 148 8.28 -4.80 12.86
N HIS A 149 8.76 -3.91 13.73
CA HIS A 149 8.28 -2.52 13.75
C HIS A 149 8.87 -1.64 12.66
N ILE A 150 10.19 -1.54 12.59
CA ILE A 150 10.83 -0.72 11.59
C ILE A 150 10.55 -1.25 10.19
N LEU A 151 10.05 -2.48 10.14
CA LEU A 151 9.59 -3.07 8.88
C LEU A 151 8.22 -2.52 8.54
N ARG A 152 7.35 -2.45 9.55
CA ARG A 152 5.97 -2.01 9.35
C ARG A 152 5.92 -0.70 8.58
N GLU A 153 6.68 0.29 9.03
CA GLU A 153 6.57 1.63 8.47
C GLU A 153 7.45 1.85 7.24
N LEU A 154 8.46 1.01 7.05
CA LEU A 154 9.22 1.04 5.81
C LEU A 154 8.33 0.57 4.67
N TYR A 155 7.42 -0.34 4.99
CA TYR A 155 6.48 -0.90 4.03
C TYR A 155 5.27 0.02 3.88
N GLU A 156 4.89 0.64 4.99
CA GLU A 156 3.77 1.59 4.99
C GLU A 156 4.14 2.88 4.27
N ASN A 157 5.43 3.20 4.24
CA ASN A 157 5.89 4.40 3.55
C ASN A 157 6.40 4.11 2.14
N ASN A 158 6.09 2.91 1.64
CA ASN A 158 6.35 2.53 0.26
C ASN A 158 7.82 2.36 -0.12
N TYR A 159 8.66 2.04 0.85
CA TYR A 159 10.07 1.76 0.58
C TYR A 159 10.27 0.34 0.04
N ILE A 160 9.52 -0.60 0.62
CA ILE A 160 9.57 -1.99 0.15
C ILE A 160 8.16 -2.46 -0.24
N ASP A 161 8.09 -3.43 -1.14
CA ASP A 161 6.82 -3.87 -1.69
C ASP A 161 6.16 -5.00 -0.89
N GLU A 162 6.83 -5.45 0.17
CA GLU A 162 6.30 -6.54 0.99
C GLU A 162 7.06 -6.77 2.29
N ILE A 163 6.35 -7.33 3.27
CA ILE A 163 6.96 -7.80 4.50
C ILE A 163 7.33 -9.26 4.31
N PRO A 164 8.62 -9.53 4.04
CA PRO A 164 9.08 -10.88 3.70
C PRO A 164 8.84 -11.89 4.82
N LYS A 165 8.67 -13.16 4.45
CA LYS A 165 8.47 -14.21 5.43
C LYS A 165 9.62 -14.23 6.42
N THR A 166 10.84 -14.45 5.91
CA THR A 166 12.04 -14.43 6.73
C THR A 166 13.11 -13.57 6.08
N LEU A 167 13.96 -12.95 6.91
CA LEU A 167 15.01 -12.08 6.42
C LEU A 167 16.29 -12.81 6.06
N SER A 168 16.55 -12.93 4.77
CA SER A 168 17.83 -13.48 4.30
C SER A 168 18.92 -12.44 4.53
N ARG A 169 20.17 -12.87 4.51
CA ARG A 169 21.28 -11.97 4.74
C ARG A 169 21.35 -10.86 3.69
N ARG A 170 21.06 -11.19 2.44
CA ARG A 170 21.09 -10.21 1.37
C ARG A 170 19.96 -9.21 1.51
N LYS A 171 18.79 -9.71 1.92
CA LYS A 171 17.62 -8.87 2.08
C LYS A 171 17.80 -7.94 3.26
N TYR A 172 18.47 -8.43 4.29
CA TYR A 172 18.74 -7.64 5.49
C TYR A 172 19.72 -6.51 5.19
N LEU A 173 20.86 -6.86 4.60
CA LEU A 173 21.89 -5.88 4.27
C LEU A 173 21.38 -4.90 3.23
N GLU A 174 20.41 -5.34 2.43
CA GLU A 174 19.80 -4.49 1.41
C GLU A 174 18.89 -3.45 2.04
N ILE A 175 17.95 -3.91 2.85
CA ILE A 175 17.03 -3.01 3.54
C ILE A 175 17.80 -2.13 4.52
N GLU A 176 18.79 -2.70 5.16
CA GLU A 176 19.66 -1.95 6.05
C GLU A 176 20.26 -0.77 5.29
N ASN A 177 20.49 -0.98 4.00
CA ASN A 177 21.06 0.06 3.15
C ASN A 177 20.00 1.07 2.72
N ILE A 178 18.75 0.60 2.64
CA ILE A 178 17.62 1.47 2.35
C ILE A 178 17.41 2.44 3.49
N LEU A 179 17.69 1.98 4.70
CA LEU A 179 17.59 2.81 5.89
C LEU A 179 18.79 3.75 5.97
N ARG A 180 19.91 3.29 5.44
CA ARG A 180 21.15 4.05 5.52
C ARG A 180 21.11 5.35 4.71
N ASP A 181 20.37 5.32 3.60
CA ASP A 181 20.16 6.51 2.79
C ASP A 181 19.13 7.42 3.45
N ILE A 182 18.10 6.81 4.02
CA ILE A 182 17.12 7.53 4.80
C ILE A 182 17.82 8.32 5.89
N GLY A 183 18.94 7.78 6.36
CA GLY A 183 19.73 8.42 7.39
C GLY A 183 20.36 9.71 6.93
N GLU A 184 21.10 9.65 5.83
CA GLU A 184 21.83 10.82 5.35
C GLU A 184 20.93 11.92 4.81
N GLU A 185 19.70 11.55 4.48
CA GLU A 185 18.73 12.53 3.99
C GLU A 185 18.13 13.35 5.12
N VAL A 186 18.46 12.96 6.36
CA VAL A 186 18.03 13.70 7.54
C VAL A 186 19.17 13.89 8.53
N ASN A 187 20.32 13.32 8.20
CA ASN A 187 21.52 13.40 9.03
C ASN A 187 21.42 12.71 10.39
N LEU A 188 21.44 11.38 10.36
CA LEU A 188 21.39 10.57 11.57
C LEU A 188 22.07 9.22 11.34
N LYS A 189 22.91 8.80 12.30
CA LYS A 189 23.49 7.47 12.25
C LYS A 189 22.37 6.43 12.37
N LEU A 190 22.58 5.25 11.80
CA LEU A 190 21.56 4.21 11.85
C LEU A 190 21.11 3.91 13.27
N SER A 191 22.04 3.96 14.22
CA SER A 191 21.71 3.75 15.62
C SER A 191 20.63 4.74 16.06
N GLU A 192 20.96 6.03 15.98
CA GLU A 192 20.03 7.09 16.35
C GLU A 192 18.76 7.01 15.51
N LEU A 193 18.94 6.82 14.21
CA LEU A 193 17.84 6.71 13.27
C LEU A 193 16.82 5.67 13.72
N ASP A 194 17.32 4.51 14.14
CA ASP A 194 16.46 3.44 14.57
C ASP A 194 15.50 3.88 15.68
N LEU A 195 16.02 4.63 16.64
CA LEU A 195 15.23 5.06 17.78
C LEU A 195 14.09 6.00 17.37
N TYR A 196 14.36 6.89 16.42
CA TYR A 196 13.32 7.76 15.90
C TYR A 196 12.23 6.94 15.23
N ILE A 197 12.65 6.05 14.34
CA ILE A 197 11.72 5.19 13.61
C ILE A 197 10.91 4.31 14.55
N TRP A 198 11.52 3.93 15.68
CA TRP A 198 10.87 3.04 16.63
C TRP A 198 9.85 3.80 17.48
N TYR A 199 10.18 5.03 17.83
CA TYR A 199 9.31 5.88 18.66
C TYR A 199 8.03 6.24 17.91
N LEU A 200 8.10 6.24 16.58
CA LEU A 200 6.97 6.59 15.75
C LEU A 200 5.80 5.63 15.93
N ARG A 201 6.12 4.33 16.00
CA ARG A 201 5.08 3.31 16.08
C ARG A 201 4.78 2.90 17.52
N THR A 202 5.83 2.72 18.32
CA THR A 202 5.68 2.28 19.70
C THR A 202 5.32 3.43 20.65
N GLY A 203 5.77 4.64 20.30
CA GLY A 203 5.54 5.80 21.13
C GLY A 203 6.41 5.79 22.37
N LYS A 204 7.58 5.18 22.26
CA LYS A 204 8.51 5.08 23.36
C LYS A 204 9.96 5.07 22.89
N VAL A 205 10.89 5.32 23.82
CA VAL A 205 12.31 5.29 23.51
C VAL A 205 13.06 4.47 24.55
N LEU A 206 13.09 3.16 24.34
CA LEU A 206 13.75 2.24 25.27
C LEU A 206 15.16 1.96 24.79
N LYS A 207 15.36 0.75 24.26
CA LYS A 207 16.64 0.37 23.69
C LYS A 207 16.49 -0.91 22.86
N MET B 1 -17.94 -17.45 9.08
CA MET B 1 -17.58 -18.37 8.02
C MET B 1 -18.80 -18.76 7.19
N MET B 2 -19.80 -17.89 7.17
CA MET B 2 -21.02 -18.16 6.41
C MET B 2 -20.76 -18.21 4.91
N LEU B 3 -19.98 -17.25 4.41
CA LEU B 3 -19.60 -17.22 3.01
C LEU B 3 -19.08 -18.58 2.60
N ILE B 4 -18.05 -19.05 3.31
CA ILE B 4 -17.45 -20.34 3.05
C ILE B 4 -18.51 -21.43 3.05
N LYS B 5 -19.41 -21.37 4.02
CA LYS B 5 -20.50 -22.34 4.12
C LYS B 5 -21.31 -22.33 2.83
N LYS B 6 -21.49 -21.15 2.26
CA LYS B 6 -22.25 -20.99 1.02
C LYS B 6 -21.43 -21.39 -0.20
N ILE B 7 -20.10 -21.31 -0.05
CA ILE B 7 -19.19 -21.65 -1.15
C ILE B 7 -19.21 -23.14 -1.45
N GLU B 8 -18.89 -23.95 -0.44
CA GLU B 8 -18.97 -25.39 -0.58
C GLU B 8 -20.39 -25.80 -0.97
N GLU B 9 -21.35 -24.98 -0.57
CA GLU B 9 -22.74 -25.21 -0.91
C GLU B 9 -22.90 -25.22 -2.43
N LEU B 10 -22.17 -24.34 -3.10
CA LEU B 10 -22.21 -24.24 -4.55
C LEU B 10 -21.36 -25.31 -5.22
N LYS B 11 -20.18 -25.57 -4.65
CA LYS B 11 -19.27 -26.56 -5.23
C LYS B 11 -19.98 -27.89 -5.46
N ASN B 12 -20.99 -28.16 -4.64
CA ASN B 12 -21.78 -29.38 -4.76
C ASN B 12 -23.11 -29.15 -5.48
N SER B 13 -23.07 -28.35 -6.54
CA SER B 13 -24.28 -28.06 -7.32
C SER B 13 -23.98 -28.08 -8.82
N GLU B 14 -25.05 -28.04 -9.62
CA GLU B 14 -24.91 -28.06 -11.07
C GLU B 14 -24.28 -26.77 -11.58
N ILE B 15 -24.09 -25.81 -10.68
CA ILE B 15 -23.44 -24.56 -11.00
C ILE B 15 -21.94 -24.78 -11.22
N LYS B 16 -21.37 -25.69 -10.44
CA LYS B 16 -19.94 -26.00 -10.56
C LYS B 16 -19.57 -26.37 -11.99
N ASP B 17 -20.50 -27.00 -12.71
CA ASP B 17 -20.26 -27.38 -14.09
C ASP B 17 -20.13 -26.14 -14.98
N ILE B 18 -21.08 -25.22 -14.83
CA ILE B 18 -21.07 -23.98 -15.60
C ILE B 18 -19.73 -23.26 -15.40
N ILE B 19 -19.38 -23.04 -14.14
CA ILE B 19 -18.13 -22.38 -13.79
C ILE B 19 -16.93 -23.16 -14.30
N ASP B 20 -17.01 -24.49 -14.20
CA ASP B 20 -15.91 -25.35 -14.64
C ASP B 20 -15.74 -25.35 -16.15
N LYS B 21 -16.82 -25.12 -16.88
CA LYS B 21 -16.73 -25.01 -18.34
C LYS B 21 -16.40 -23.58 -18.72
N ARG B 22 -16.70 -22.64 -17.82
CA ARG B 22 -16.38 -21.24 -18.03
C ARG B 22 -14.88 -21.04 -17.86
N ILE B 23 -14.31 -21.65 -16.83
CA ILE B 23 -12.87 -21.61 -16.60
C ILE B 23 -12.14 -22.22 -17.79
N GLN B 24 -12.64 -23.36 -18.25
CA GLN B 24 -12.04 -24.04 -19.41
C GLN B 24 -12.11 -23.15 -20.64
N GLU B 25 -13.14 -22.31 -20.72
CA GLU B 25 -13.27 -21.36 -21.82
C GLU B 25 -12.07 -20.42 -21.87
N PHE B 26 -11.68 -19.91 -20.71
CA PHE B 26 -10.53 -19.01 -20.63
C PHE B 26 -9.23 -19.74 -20.95
N LYS B 27 -9.10 -20.95 -20.41
CA LYS B 27 -7.88 -21.75 -20.60
C LYS B 27 -7.64 -22.11 -22.07
N SER B 28 -8.64 -21.89 -22.92
CA SER B 28 -8.50 -22.19 -24.34
C SER B 28 -7.83 -21.02 -25.07
N PHE B 29 -7.67 -19.90 -24.37
CA PHE B 29 -7.01 -18.73 -24.94
C PHE B 29 -5.53 -18.97 -25.15
N LYS B 30 -5.01 -20.07 -24.61
CA LYS B 30 -3.61 -20.42 -24.77
C LYS B 30 -3.28 -20.65 -26.25
N ASN B 31 -4.31 -20.98 -27.03
CA ASN B 31 -4.13 -21.25 -28.46
C ASN B 31 -4.61 -20.12 -29.36
N LYS B 32 -5.40 -19.21 -28.82
CA LYS B 32 -5.97 -18.12 -29.61
C LYS B 32 -4.92 -17.10 -30.04
N SER B 33 -5.25 -16.33 -31.07
CA SER B 33 -4.31 -15.40 -31.67
C SER B 33 -4.20 -14.10 -30.89
N ASN B 34 -3.21 -13.29 -31.24
CA ASN B 34 -3.04 -11.96 -30.67
C ASN B 34 -4.33 -11.16 -30.74
N GLU B 35 -5.05 -11.31 -31.85
CA GLU B 35 -6.31 -10.63 -32.05
C GLU B 35 -7.31 -10.98 -30.96
N GLU B 36 -7.56 -12.28 -30.80
CA GLU B 36 -8.53 -12.75 -29.82
C GLU B 36 -8.15 -12.32 -28.41
N TRP B 37 -6.91 -11.89 -28.24
CA TRP B 37 -6.41 -11.45 -26.95
C TRP B 37 -6.60 -9.94 -26.77
N PHE B 38 -6.23 -9.17 -27.78
CA PHE B 38 -6.44 -7.74 -27.73
C PHE B 38 -7.93 -7.43 -27.61
N LYS B 39 -8.75 -8.14 -28.38
CA LYS B 39 -10.20 -7.96 -28.34
C LYS B 39 -10.74 -8.23 -26.93
N GLU B 40 -10.02 -9.05 -26.16
CA GLU B 40 -10.40 -9.34 -24.79
C GLU B 40 -9.94 -8.24 -23.83
N LEU B 41 -8.78 -7.66 -24.12
CA LEU B 41 -8.30 -6.53 -23.35
C LEU B 41 -9.28 -5.37 -23.45
N CYS B 42 -9.79 -5.14 -24.66
CA CYS B 42 -10.75 -4.07 -24.90
C CYS B 42 -12.03 -4.29 -24.12
N PHE B 43 -12.54 -5.52 -24.17
CA PHE B 43 -13.75 -5.87 -23.44
C PHE B 43 -13.64 -5.42 -21.98
N CYS B 44 -12.46 -5.63 -21.40
CA CYS B 44 -12.22 -5.23 -20.02
C CYS B 44 -12.36 -3.73 -19.86
N ILE B 45 -11.62 -2.97 -20.67
CA ILE B 45 -11.74 -1.51 -20.67
C ILE B 45 -13.20 -1.09 -20.78
N LEU B 46 -13.97 -1.80 -21.59
CA LEU B 46 -15.38 -1.50 -21.77
C LEU B 46 -16.17 -1.73 -20.48
N THR B 47 -15.80 -2.76 -19.74
CA THR B 47 -16.55 -3.17 -18.56
C THR B 47 -16.26 -2.31 -17.34
N ALA B 48 -15.27 -1.43 -17.45
CA ALA B 48 -14.93 -0.54 -16.35
C ALA B 48 -16.11 0.35 -16.00
N ASN B 49 -16.62 0.19 -14.77
CA ASN B 49 -17.79 0.94 -14.30
C ASN B 49 -18.95 0.85 -15.28
N PHE B 50 -19.13 -0.33 -15.86
CA PHE B 50 -20.22 -0.59 -16.80
C PHE B 50 -20.82 -1.95 -16.48
N THR B 51 -21.70 -2.43 -17.35
CA THR B 51 -22.33 -3.72 -17.15
C THR B 51 -21.52 -4.85 -17.77
N ALA B 52 -21.37 -5.94 -17.02
CA ALA B 52 -20.64 -7.10 -17.52
C ALA B 52 -21.26 -7.61 -18.82
N GLU B 53 -22.56 -7.84 -18.80
CA GLU B 53 -23.26 -8.31 -19.99
C GLU B 53 -23.35 -7.20 -21.02
N GLY B 54 -23.35 -5.96 -20.56
CA GLY B 54 -23.36 -4.81 -21.45
C GLY B 54 -22.08 -4.76 -22.27
N GLY B 55 -20.99 -5.25 -21.69
CA GLY B 55 -19.72 -5.31 -22.38
C GLY B 55 -19.59 -6.55 -23.23
N ILE B 56 -20.33 -7.58 -22.85
CA ILE B 56 -20.36 -8.84 -23.60
C ILE B 56 -21.08 -8.65 -24.92
N ARG B 57 -22.13 -7.84 -24.91
CA ARG B 57 -22.89 -7.56 -26.12
C ARG B 57 -22.09 -6.71 -27.10
N ILE B 58 -21.63 -5.56 -26.62
CA ILE B 58 -20.85 -4.66 -27.46
C ILE B 58 -19.67 -5.38 -28.11
N GLN B 59 -19.03 -6.26 -27.36
CA GLN B 59 -17.92 -7.04 -27.89
C GLN B 59 -18.37 -7.90 -29.06
N LYS B 60 -19.56 -8.48 -28.95
CA LYS B 60 -20.13 -9.27 -30.03
C LYS B 60 -20.36 -8.42 -31.28
N GLU B 61 -21.11 -7.34 -31.10
CA GLU B 61 -21.48 -6.46 -32.21
C GLU B 61 -20.27 -5.89 -32.94
N ILE B 62 -19.29 -5.43 -32.19
CA ILE B 62 -18.12 -4.79 -32.79
C ILE B 62 -17.08 -5.80 -33.28
N GLY B 63 -16.93 -6.90 -32.55
CA GLY B 63 -16.03 -7.97 -32.96
C GLY B 63 -14.64 -7.50 -33.36
N ASP B 64 -14.20 -7.90 -34.55
CA ASP B 64 -12.86 -7.53 -35.03
C ASP B 64 -12.73 -6.03 -35.27
N GLY B 65 -13.76 -5.27 -34.91
CA GLY B 65 -13.75 -3.83 -35.11
C GLY B 65 -12.82 -3.09 -34.17
N PHE B 66 -12.59 -3.68 -33.00
CA PHE B 66 -11.70 -3.08 -32.01
C PHE B 66 -10.30 -2.84 -32.57
N LEU B 67 -9.97 -3.57 -33.64
CA LEU B 67 -8.65 -3.49 -34.24
C LEU B 67 -8.58 -2.44 -35.36
N THR B 68 -9.65 -2.35 -36.14
CA THR B 68 -9.65 -1.51 -37.34
C THR B 68 -10.33 -0.15 -37.13
N LEU B 69 -11.56 -0.17 -36.65
CA LEU B 69 -12.36 1.04 -36.47
C LEU B 69 -11.56 2.27 -36.06
N PRO B 70 -11.66 3.36 -36.84
CA PRO B 70 -11.05 4.64 -36.50
C PRO B 70 -11.69 5.21 -35.23
N ARG B 71 -11.15 6.31 -34.71
CA ARG B 71 -11.65 6.89 -33.47
C ARG B 71 -13.11 7.34 -33.59
N GLU B 72 -13.36 8.29 -34.49
CA GLU B 72 -14.70 8.87 -34.61
C GLU B 72 -15.77 7.84 -34.99
N GLU B 73 -15.34 6.79 -35.70
CA GLU B 73 -16.28 5.75 -36.14
C GLU B 73 -16.60 4.77 -35.01
N LEU B 74 -15.56 4.22 -34.39
CA LEU B 74 -15.73 3.33 -33.25
C LEU B 74 -16.56 4.03 -32.17
N GLU B 75 -16.34 5.34 -32.02
CA GLU B 75 -17.10 6.13 -31.07
C GLU B 75 -18.59 6.11 -31.43
N GLU B 76 -18.90 6.27 -32.71
CA GLU B 76 -20.28 6.18 -33.17
C GLU B 76 -20.85 4.81 -32.82
N LYS B 77 -20.14 3.75 -33.19
CA LYS B 77 -20.56 2.40 -32.87
C LYS B 77 -20.92 2.25 -31.40
N LEU B 78 -20.00 2.63 -30.51
CA LEU B 78 -20.22 2.54 -29.08
C LEU B 78 -21.38 3.43 -28.63
N LYS B 79 -21.33 4.69 -29.03
CA LYS B 79 -22.38 5.64 -28.70
C LYS B 79 -23.76 5.07 -29.07
N ASN B 80 -23.82 4.39 -30.20
CA ASN B 80 -25.06 3.76 -30.64
C ASN B 80 -25.36 2.48 -29.85
N LEU B 81 -24.31 1.76 -29.45
CA LEU B 81 -24.48 0.50 -28.74
C LEU B 81 -24.86 0.69 -27.27
N GLY B 82 -24.96 1.94 -26.83
CA GLY B 82 -25.50 2.25 -25.53
C GLY B 82 -24.51 2.25 -24.37
N HIS B 83 -23.23 2.27 -24.67
CA HIS B 83 -22.21 2.32 -23.62
C HIS B 83 -22.24 3.67 -22.92
N ARG B 84 -21.97 3.68 -21.61
CA ARG B 84 -21.97 4.91 -20.84
C ARG B 84 -20.90 5.89 -21.32
N PHE B 85 -19.65 5.45 -21.33
CA PHE B 85 -18.54 6.32 -21.68
C PHE B 85 -17.97 5.99 -23.05
N TYR B 86 -18.71 6.36 -24.09
CA TYR B 86 -18.30 6.08 -25.46
C TYR B 86 -17.04 6.84 -25.88
N ARG B 87 -17.01 8.14 -25.62
CA ARG B 87 -15.87 8.96 -26.02
C ARG B 87 -14.57 8.47 -25.39
N LYS B 88 -14.57 8.33 -24.08
CA LYS B 88 -13.35 8.02 -23.34
C LYS B 88 -12.85 6.60 -23.63
N ARG B 89 -13.75 5.63 -23.55
CA ARG B 89 -13.39 4.25 -23.81
C ARG B 89 -12.94 4.06 -25.26
N ALA B 90 -13.54 4.81 -26.18
CA ALA B 90 -13.12 4.78 -27.57
C ALA B 90 -11.68 5.29 -27.67
N GLU B 91 -11.40 6.38 -26.94
CA GLU B 91 -10.06 6.94 -26.89
C GLU B 91 -9.05 5.90 -26.45
N TYR B 92 -9.24 5.37 -25.24
CA TYR B 92 -8.32 4.39 -24.69
C TYR B 92 -8.06 3.24 -25.66
N ILE B 93 -9.14 2.61 -26.11
CA ILE B 93 -9.06 1.47 -27.02
C ILE B 93 -8.07 1.71 -28.16
N VAL B 94 -8.22 2.84 -28.83
CA VAL B 94 -7.36 3.16 -29.96
C VAL B 94 -5.90 3.23 -29.55
N LEU B 95 -5.62 3.89 -28.43
CA LEU B 95 -4.25 4.01 -27.94
C LEU B 95 -3.65 2.64 -27.66
N ALA B 96 -4.45 1.76 -27.06
CA ALA B 96 -3.99 0.42 -26.71
C ALA B 96 -3.47 -0.32 -27.94
N ARG B 97 -3.91 0.09 -29.12
CA ARG B 97 -3.54 -0.58 -30.35
C ARG B 97 -2.03 -0.60 -30.59
N ARG B 98 -1.31 0.30 -29.92
CA ARG B 98 0.14 0.28 -30.02
C ARG B 98 0.67 -1.04 -29.49
N PHE B 99 -0.17 -1.76 -28.77
CA PHE B 99 0.15 -3.10 -28.30
C PHE B 99 -0.82 -4.11 -28.91
N LYS B 100 -1.12 -3.93 -30.19
CA LYS B 100 -2.11 -4.76 -30.88
C LYS B 100 -1.76 -6.24 -30.81
N ASN B 101 -0.48 -6.55 -30.56
CA ASN B 101 -0.06 -7.92 -30.31
C ASN B 101 0.18 -8.14 -28.82
N ILE B 102 -0.90 -8.09 -28.04
CA ILE B 102 -0.82 -8.12 -26.58
C ILE B 102 -0.41 -9.49 -26.04
N LYS B 103 -0.38 -10.49 -26.89
CA LYS B 103 0.01 -11.84 -26.45
C LYS B 103 1.52 -11.98 -26.35
N ASP B 104 2.24 -11.57 -27.40
CA ASP B 104 3.69 -11.59 -27.39
C ASP B 104 4.22 -10.85 -26.16
N ILE B 105 3.54 -9.76 -25.81
CA ILE B 105 3.98 -8.90 -24.71
C ILE B 105 3.71 -9.53 -23.35
N VAL B 106 2.57 -10.18 -23.20
CA VAL B 106 2.17 -10.75 -21.92
C VAL B 106 2.88 -12.05 -21.59
N GLU B 107 2.97 -12.95 -22.55
CA GLU B 107 3.60 -14.25 -22.33
C GLU B 107 5.12 -14.16 -22.18
N SER B 108 5.68 -13.02 -22.58
CA SER B 108 7.12 -12.81 -22.48
C SER B 108 7.54 -12.63 -21.03
N PHE B 109 6.64 -12.11 -20.21
CA PHE B 109 6.91 -11.92 -18.79
C PHE B 109 7.04 -13.25 -18.08
N GLU B 110 7.77 -13.25 -16.97
CA GLU B 110 8.03 -14.47 -16.22
C GLU B 110 6.79 -14.96 -15.48
N ASN B 111 6.04 -14.03 -14.87
CA ASN B 111 4.83 -14.40 -14.15
C ASN B 111 3.68 -13.40 -14.34
N GLU B 112 2.47 -13.92 -14.23
CA GLU B 112 1.26 -13.11 -14.36
C GLU B 112 1.27 -11.87 -13.46
N LYS B 113 1.79 -12.03 -12.26
CA LYS B 113 1.83 -10.93 -11.29
C LYS B 113 2.61 -9.74 -11.85
N VAL B 114 3.70 -10.03 -12.55
CA VAL B 114 4.55 -8.99 -13.13
C VAL B 114 3.97 -8.50 -14.46
N ALA B 115 3.38 -9.41 -15.21
CA ALA B 115 2.72 -9.06 -16.46
C ALA B 115 1.65 -8.00 -16.22
N ARG B 116 0.97 -8.11 -15.08
CA ARG B 116 -0.04 -7.14 -14.69
C ARG B 116 0.60 -5.80 -14.38
N GLU B 117 1.77 -5.83 -13.75
CA GLU B 117 2.50 -4.62 -13.42
C GLU B 117 2.73 -3.77 -14.66
N PHE B 118 3.00 -4.43 -15.79
CA PHE B 118 3.24 -3.75 -17.05
C PHE B 118 1.96 -3.15 -17.59
N LEU B 119 0.99 -4.01 -17.89
CA LEU B 119 -0.28 -3.59 -18.46
C LEU B 119 -0.85 -2.37 -17.72
N VAL B 120 -0.73 -2.39 -16.40
CA VAL B 120 -1.33 -1.36 -15.56
C VAL B 120 -0.73 0.03 -15.74
N ARG B 121 0.52 0.09 -16.17
CA ARG B 121 1.18 1.38 -16.24
C ARG B 121 1.58 1.79 -17.65
N ASN B 122 1.25 0.97 -18.64
CA ASN B 122 1.47 1.32 -20.06
C ASN B 122 0.19 1.46 -20.90
N ILE B 123 -0.94 1.10 -20.30
CA ILE B 123 -2.19 1.21 -21.01
C ILE B 123 -3.15 2.06 -20.22
N LYS B 124 -3.34 3.28 -20.73
CA LYS B 124 -4.28 4.21 -20.17
C LYS B 124 -5.65 3.59 -20.40
N GLY B 125 -6.39 3.42 -19.31
CA GLY B 125 -7.66 2.74 -19.36
C GLY B 125 -7.70 1.52 -18.46
N ILE B 126 -6.51 0.95 -18.20
CA ILE B 126 -6.36 -0.25 -17.39
C ILE B 126 -5.66 0.03 -16.05
N GLY B 127 -6.33 -0.39 -14.97
CA GLY B 127 -5.77 -0.39 -13.64
C GLY B 127 -5.78 -1.82 -13.18
N TYR B 128 -5.59 -2.07 -11.88
CA TYR B 128 -5.48 -3.45 -11.39
C TYR B 128 -6.75 -4.27 -11.55
N GLN B 129 -7.89 -3.64 -11.30
CA GLN B 129 -9.14 -4.35 -11.37
C GLN B 129 -9.26 -4.97 -12.75
N GLU B 130 -9.07 -4.16 -13.78
CA GLU B 130 -9.40 -4.59 -15.13
C GLU B 130 -8.25 -5.25 -15.86
N ALA B 131 -7.09 -5.33 -15.21
CA ALA B 131 -5.98 -6.10 -15.76
C ALA B 131 -6.10 -7.51 -15.25
N SER B 132 -6.44 -7.61 -13.97
CA SER B 132 -6.72 -8.88 -13.33
C SER B 132 -7.81 -9.53 -14.12
N HIS B 133 -8.87 -8.76 -14.35
CA HIS B 133 -9.97 -9.17 -15.20
C HIS B 133 -9.45 -9.67 -16.55
N PHE B 134 -8.57 -8.90 -17.18
CA PHE B 134 -8.04 -9.25 -18.51
C PHE B 134 -7.31 -10.57 -18.47
N LEU B 135 -6.22 -10.60 -17.71
CA LEU B 135 -5.44 -11.81 -17.53
C LEU B 135 -6.32 -13.02 -17.25
N ARG B 136 -7.09 -12.99 -16.16
CA ARG B 136 -7.96 -14.11 -15.79
C ARG B 136 -8.73 -14.65 -16.99
N ASN B 137 -9.33 -13.73 -17.74
CA ASN B 137 -10.13 -14.08 -18.90
C ASN B 137 -9.33 -14.80 -19.98
N VAL B 138 -8.03 -14.52 -20.13
CA VAL B 138 -7.21 -15.20 -21.13
C VAL B 138 -6.46 -16.44 -20.62
N GLY B 139 -6.74 -16.83 -19.38
CA GLY B 139 -6.30 -18.13 -18.88
C GLY B 139 -5.37 -18.21 -17.68
N TYR B 140 -5.18 -17.10 -16.98
CA TYR B 140 -4.28 -17.13 -15.83
C TYR B 140 -5.03 -17.39 -14.53
N ASP B 141 -4.38 -18.14 -13.65
CA ASP B 141 -5.08 -18.70 -12.51
C ASP B 141 -4.92 -17.89 -11.24
N ASP B 142 -3.76 -17.28 -11.05
CA ASP B 142 -3.48 -16.60 -9.78
C ASP B 142 -3.58 -15.07 -9.83
N VAL B 143 -4.74 -14.54 -10.21
CA VAL B 143 -5.01 -13.11 -10.02
C VAL B 143 -6.49 -12.91 -9.69
N ALA B 144 -6.77 -11.84 -8.94
CA ALA B 144 -8.10 -11.58 -8.41
C ALA B 144 -8.73 -10.36 -9.06
N ILE B 145 -10.05 -10.42 -9.27
CA ILE B 145 -10.76 -9.27 -9.78
C ILE B 145 -11.47 -8.62 -8.63
N ILE B 146 -10.97 -7.48 -8.19
CA ILE B 146 -11.51 -6.85 -6.99
C ILE B 146 -12.46 -5.70 -7.35
N ASP B 147 -13.65 -6.06 -7.82
CA ASP B 147 -14.66 -5.07 -8.17
C ASP B 147 -15.53 -4.74 -6.97
N ARG B 148 -16.60 -3.99 -7.23
CA ARG B 148 -17.53 -3.57 -6.20
C ARG B 148 -18.25 -4.77 -5.58
N HIS B 149 -18.63 -5.72 -6.43
CA HIS B 149 -19.39 -6.87 -6.00
C HIS B 149 -18.62 -7.70 -4.99
N ILE B 150 -17.48 -8.24 -5.41
CA ILE B 150 -16.72 -9.11 -4.53
C ILE B 150 -16.21 -8.34 -3.31
N LEU B 151 -16.02 -7.03 -3.49
CA LEU B 151 -15.65 -6.15 -2.39
C LEU B 151 -16.67 -6.17 -1.24
N ARG B 152 -17.89 -5.71 -1.50
CA ARG B 152 -18.87 -5.70 -0.43
C ARG B 152 -19.44 -7.09 -0.16
N GLU B 153 -18.82 -8.09 -0.78
CA GLU B 153 -19.06 -9.46 -0.39
C GLU B 153 -18.06 -9.81 0.70
N LEU B 154 -16.78 -9.56 0.43
CA LEU B 154 -15.77 -9.65 1.47
C LEU B 154 -16.26 -8.89 2.67
N TYR B 155 -16.42 -7.60 2.47
CA TYR B 155 -16.80 -6.71 3.53
C TYR B 155 -17.94 -7.30 4.32
N GLU B 156 -18.92 -7.81 3.61
CA GLU B 156 -20.18 -8.21 4.22
C GLU B 156 -19.98 -9.39 5.16
N ASN B 157 -18.78 -9.98 5.12
CA ASN B 157 -18.47 -11.15 5.92
C ASN B 157 -17.22 -10.93 6.79
N ASN B 158 -16.85 -9.66 6.89
CA ASN B 158 -15.79 -9.23 7.79
C ASN B 158 -14.43 -9.82 7.44
N TYR B 159 -14.06 -9.64 6.17
CA TYR B 159 -12.75 -10.01 5.68
C TYR B 159 -12.05 -8.65 5.68
N ILE B 160 -12.86 -7.59 5.64
CA ILE B 160 -12.41 -6.21 5.65
C ILE B 160 -13.33 -5.33 6.50
N ASP B 161 -12.82 -4.22 7.05
CA ASP B 161 -13.60 -3.32 7.89
C ASP B 161 -14.28 -2.13 7.16
N GLU B 162 -14.02 -2.00 5.86
CA GLU B 162 -14.57 -0.91 5.04
C GLU B 162 -14.43 -1.11 3.54
N ILE B 163 -15.34 -0.51 2.80
CA ILE B 163 -15.22 -0.40 1.35
C ILE B 163 -14.45 0.89 1.05
N PRO B 164 -13.17 0.76 0.72
CA PRO B 164 -12.35 1.93 0.40
C PRO B 164 -12.84 2.60 -0.87
N LYS B 165 -12.78 3.93 -0.92
CA LYS B 165 -13.24 4.66 -2.10
C LYS B 165 -12.38 4.32 -3.31
N THR B 166 -11.07 4.21 -3.09
CA THR B 166 -10.13 3.88 -4.14
C THR B 166 -9.19 2.77 -3.68
N LEU B 167 -8.79 1.90 -4.60
CA LEU B 167 -7.89 0.81 -4.25
C LEU B 167 -6.41 1.03 -4.58
N SER B 168 -5.61 1.09 -3.51
CA SER B 168 -4.17 1.26 -3.63
C SER B 168 -3.58 -0.07 -4.08
N ARG B 169 -2.47 -0.01 -4.81
CA ARG B 169 -1.84 -1.23 -5.28
C ARG B 169 -1.53 -2.08 -4.06
N ARG B 170 -1.05 -1.45 -2.99
CA ARG B 170 -0.82 -2.16 -1.75
C ARG B 170 -2.17 -2.66 -1.23
N LYS B 171 -3.19 -1.81 -1.36
CA LYS B 171 -4.54 -2.13 -0.92
C LYS B 171 -5.17 -3.27 -1.70
N TYR B 172 -4.97 -3.26 -3.02
CA TYR B 172 -5.50 -4.30 -3.89
C TYR B 172 -4.74 -5.60 -3.66
N LEU B 173 -3.43 -5.49 -3.50
CA LEU B 173 -2.57 -6.65 -3.26
C LEU B 173 -2.94 -7.31 -1.93
N GLU B 174 -3.22 -6.50 -0.92
CA GLU B 174 -3.59 -7.02 0.39
C GLU B 174 -4.92 -7.74 0.33
N ILE B 175 -5.87 -7.16 -0.41
CA ILE B 175 -7.20 -7.74 -0.55
C ILE B 175 -7.15 -9.08 -1.29
N GLU B 176 -6.31 -9.13 -2.31
CA GLU B 176 -6.14 -10.28 -3.16
C GLU B 176 -5.60 -11.42 -2.31
N ASN B 177 -4.49 -11.15 -1.63
CA ASN B 177 -3.95 -12.07 -0.67
C ASN B 177 -5.06 -12.68 0.15
N ILE B 178 -5.95 -11.83 0.63
CA ILE B 178 -7.04 -12.24 1.48
C ILE B 178 -7.95 -13.23 0.75
N LEU B 179 -8.13 -13.01 -0.54
CA LEU B 179 -8.97 -13.87 -1.34
C LEU B 179 -8.28 -15.19 -1.54
N ARG B 180 -6.99 -15.14 -1.75
CA ARG B 180 -6.25 -16.36 -1.99
C ARG B 180 -6.36 -17.32 -0.80
N ASP B 181 -6.31 -16.77 0.41
CA ASP B 181 -6.47 -17.55 1.64
C ASP B 181 -7.79 -18.31 1.65
N ILE B 182 -8.87 -17.63 1.30
CA ILE B 182 -10.12 -18.31 1.09
C ILE B 182 -9.88 -19.40 0.06
N GLY B 183 -9.23 -19.03 -1.04
CA GLY B 183 -8.92 -19.96 -2.11
C GLY B 183 -8.32 -21.26 -1.59
N GLU B 184 -7.27 -21.14 -0.79
CA GLU B 184 -6.61 -22.31 -0.21
C GLU B 184 -7.61 -23.08 0.64
N GLU B 185 -8.24 -22.36 1.55
CA GLU B 185 -9.25 -22.91 2.44
C GLU B 185 -10.28 -23.74 1.68
N VAL B 186 -10.91 -23.13 0.68
CA VAL B 186 -11.94 -23.80 -0.11
C VAL B 186 -11.39 -24.69 -1.22
N ASN B 187 -10.06 -24.64 -1.38
CA ASN B 187 -9.34 -25.42 -2.39
C ASN B 187 -9.41 -24.95 -3.86
N LEU B 188 -9.72 -23.68 -4.10
CA LEU B 188 -9.79 -23.20 -5.49
C LEU B 188 -9.00 -21.93 -5.89
N LYS B 189 -8.52 -21.95 -7.14
CA LYS B 189 -7.73 -20.88 -7.75
C LYS B 189 -8.52 -19.58 -7.79
N LEU B 190 -7.81 -18.46 -7.72
CA LEU B 190 -8.49 -17.17 -7.68
C LEU B 190 -9.37 -16.98 -8.91
N SER B 191 -9.02 -17.67 -10.01
CA SER B 191 -9.87 -17.65 -11.21
C SER B 191 -11.22 -18.33 -10.93
N GLU B 192 -11.19 -19.63 -10.67
CA GLU B 192 -12.38 -20.38 -10.25
C GLU B 192 -13.14 -19.62 -9.16
N LEU B 193 -12.45 -19.35 -8.05
CA LEU B 193 -13.03 -18.66 -6.90
C LEU B 193 -13.89 -17.48 -7.30
N ASP B 194 -13.32 -16.59 -8.11
CA ASP B 194 -13.99 -15.34 -8.45
C ASP B 194 -15.34 -15.52 -9.11
N LEU B 195 -15.48 -16.58 -9.90
CA LEU B 195 -16.76 -16.84 -10.56
C LEU B 195 -17.82 -17.29 -9.56
N TYR B 196 -17.35 -17.88 -8.46
CA TYR B 196 -18.23 -18.32 -7.39
C TYR B 196 -18.78 -17.11 -6.67
N ILE B 197 -17.90 -16.43 -5.94
CA ILE B 197 -18.31 -15.25 -5.19
C ILE B 197 -19.16 -14.31 -6.03
N TRP B 198 -18.79 -14.17 -7.30
CA TRP B 198 -19.51 -13.25 -8.17
C TRP B 198 -20.94 -13.74 -8.29
N TYR B 199 -21.11 -15.05 -8.35
CA TYR B 199 -22.44 -15.65 -8.50
C TYR B 199 -23.32 -15.49 -7.26
N LEU B 200 -22.71 -15.55 -6.08
CA LEU B 200 -23.47 -15.42 -4.84
C LEU B 200 -24.25 -14.11 -4.83
N ARG B 201 -23.78 -13.15 -5.63
CA ARG B 201 -24.32 -11.80 -5.64
C ARG B 201 -25.37 -11.59 -6.72
N THR B 202 -24.93 -11.75 -7.96
CA THR B 202 -25.73 -11.39 -9.13
C THR B 202 -26.61 -12.51 -9.66
N GLY B 203 -26.18 -13.75 -9.48
CA GLY B 203 -26.96 -14.89 -9.92
C GLY B 203 -26.66 -15.39 -11.33
N LYS B 204 -25.66 -14.80 -11.98
CA LYS B 204 -25.29 -15.18 -13.34
C LYS B 204 -23.79 -15.42 -13.45
N VAL B 205 -23.40 -16.42 -14.23
CA VAL B 205 -22.00 -16.77 -14.42
C VAL B 205 -21.52 -16.38 -15.81
N LEU B 206 -21.33 -15.07 -16.02
CA LEU B 206 -20.87 -14.57 -17.31
C LEU B 206 -19.35 -14.54 -17.39
N LYS B 207 -18.77 -13.40 -17.02
CA LYS B 207 -17.31 -13.24 -17.05
C LYS B 207 -16.92 -11.79 -16.80
N LEU C 3 -24.54 -12.28 18.79
CA LEU C 3 -24.72 -11.20 19.76
C LEU C 3 -25.36 -11.69 21.04
N ILE C 4 -26.53 -12.30 20.93
CA ILE C 4 -27.25 -12.81 22.09
C ILE C 4 -26.34 -13.67 22.96
N LYS C 5 -25.41 -14.38 22.32
CA LYS C 5 -24.48 -15.24 23.03
C LYS C 5 -23.59 -14.41 23.95
N LYS C 6 -23.17 -13.25 23.47
CA LYS C 6 -22.32 -12.35 24.25
C LYS C 6 -23.03 -11.84 25.49
N ILE C 7 -24.29 -11.45 25.33
CA ILE C 7 -25.08 -10.92 26.44
C ILE C 7 -25.24 -11.97 27.55
N GLU C 8 -25.46 -13.22 27.15
CA GLU C 8 -25.57 -14.31 28.09
C GLU C 8 -24.28 -14.44 28.90
N GLU C 9 -23.15 -14.30 28.21
CA GLU C 9 -21.85 -14.35 28.88
C GLU C 9 -21.73 -13.23 29.90
N LEU C 10 -22.37 -12.10 29.60
CA LEU C 10 -22.36 -10.95 30.50
C LEU C 10 -23.24 -11.17 31.73
N LYS C 11 -24.43 -11.73 31.51
CA LYS C 11 -25.33 -12.03 32.62
C LYS C 11 -24.72 -13.06 33.55
N ASN C 12 -23.65 -13.71 33.10
CA ASN C 12 -22.94 -14.69 33.92
C ASN C 12 -21.88 -14.03 34.80
N SER C 13 -21.18 -13.06 34.24
CA SER C 13 -20.03 -12.45 34.89
C SER C 13 -20.41 -11.54 36.06
N GLU C 14 -19.38 -11.04 36.76
CA GLU C 14 -19.58 -10.12 37.87
C GLU C 14 -20.31 -8.87 37.38
N ILE C 15 -20.22 -8.62 36.08
CA ILE C 15 -20.86 -7.47 35.47
C ILE C 15 -22.36 -7.44 35.75
N LYS C 16 -22.98 -8.62 35.77
CA LYS C 16 -24.42 -8.73 36.00
C LYS C 16 -24.80 -8.09 37.34
N ASP C 17 -23.94 -8.27 38.33
CA ASP C 17 -24.14 -7.68 39.65
C ASP C 17 -23.87 -6.19 39.60
N ILE C 18 -22.95 -5.79 38.74
CA ILE C 18 -22.59 -4.39 38.59
C ILE C 18 -23.72 -3.59 37.98
N ILE C 19 -24.50 -4.26 37.11
CA ILE C 19 -25.62 -3.60 36.45
C ILE C 19 -26.88 -3.62 37.31
N ASP C 20 -27.01 -4.65 38.14
CA ASP C 20 -28.16 -4.75 39.03
C ASP C 20 -28.16 -3.60 40.04
N LYS C 21 -27.01 -3.31 40.62
CA LYS C 21 -26.90 -2.23 41.59
C LYS C 21 -26.97 -0.86 40.91
N ARG C 22 -26.70 -0.83 39.61
CA ARG C 22 -26.76 0.41 38.84
C ARG C 22 -28.21 0.73 38.47
N ILE C 23 -28.95 -0.30 38.09
CA ILE C 23 -30.36 -0.15 37.75
C ILE C 23 -31.17 0.28 38.99
N GLN C 24 -30.74 -0.20 40.15
CA GLN C 24 -31.40 0.17 41.40
C GLN C 24 -31.02 1.57 41.86
N GLU C 25 -29.95 2.12 41.26
CA GLU C 25 -29.57 3.51 41.53
C GLU C 25 -30.52 4.46 40.82
N PHE C 26 -31.12 3.99 39.73
CA PHE C 26 -32.10 4.78 39.00
C PHE C 26 -33.44 4.79 39.71
N LYS C 27 -33.83 3.63 40.25
CA LYS C 27 -35.13 3.50 40.92
C LYS C 27 -35.27 4.43 42.11
N SER C 28 -34.15 4.72 42.77
CA SER C 28 -34.15 5.58 43.96
C SER C 28 -34.81 6.93 43.71
N PHE C 29 -34.90 7.34 42.45
CA PHE C 29 -35.51 8.62 42.10
C PHE C 29 -36.99 8.67 42.46
N LYS C 30 -37.58 7.50 42.69
CA LYS C 30 -38.96 7.43 43.15
C LYS C 30 -39.16 8.25 44.42
N ASN C 31 -38.06 8.49 45.13
CA ASN C 31 -38.12 9.26 46.38
C ASN C 31 -37.23 10.49 46.38
N LYS C 32 -36.79 10.92 45.20
CA LYS C 32 -35.98 12.13 45.08
C LYS C 32 -36.85 13.35 44.78
N SER C 33 -36.28 14.53 44.93
CA SER C 33 -37.05 15.77 44.79
C SER C 33 -37.06 16.30 43.36
N ASN C 34 -37.97 17.24 43.10
CA ASN C 34 -38.02 17.91 41.80
C ASN C 34 -36.68 18.51 41.42
N GLU C 35 -35.97 19.03 42.42
CA GLU C 35 -34.66 19.62 42.19
C GLU C 35 -33.68 18.58 41.66
N GLU C 36 -33.78 17.37 42.19
CA GLU C 36 -32.89 16.28 41.79
C GLU C 36 -33.21 15.77 40.39
N TRP C 37 -34.47 15.43 40.17
CA TRP C 37 -34.91 14.93 38.87
C TRP C 37 -34.47 15.86 37.75
N PHE C 38 -34.39 17.14 38.05
CA PHE C 38 -34.02 18.15 37.07
C PHE C 38 -32.53 18.11 36.75
N LYS C 39 -31.71 17.91 37.79
CA LYS C 39 -30.27 17.82 37.60
C LYS C 39 -29.92 16.69 36.63
N GLU C 40 -30.67 15.60 36.69
CA GLU C 40 -30.50 14.51 35.75
C GLU C 40 -30.91 14.93 34.35
N LEU C 41 -32.00 15.68 34.27
CA LEU C 41 -32.46 16.22 33.00
C LEU C 41 -31.38 17.10 32.37
N CYS C 42 -30.74 17.93 33.20
CA CYS C 42 -29.67 18.79 32.74
C CYS C 42 -28.47 17.96 32.30
N PHE C 43 -28.16 16.94 33.09
CA PHE C 43 -27.10 16.02 32.74
C PHE C 43 -27.33 15.44 31.36
N CYS C 44 -28.57 15.03 31.10
CA CYS C 44 -28.91 14.43 29.81
C CYS C 44 -28.83 15.44 28.66
N ILE C 45 -28.96 16.72 28.98
CA ILE C 45 -28.79 17.77 27.98
C ILE C 45 -27.30 17.98 27.72
N LEU C 46 -26.46 17.58 28.66
CA LEU C 46 -25.01 17.73 28.52
C LEU C 46 -24.34 16.48 27.99
N THR C 47 -25.13 15.51 27.55
CA THR C 47 -24.58 14.25 27.08
C THR C 47 -24.80 14.04 25.58
N ALA C 48 -25.61 14.91 24.98
CA ALA C 48 -25.88 14.84 23.56
C ALA C 48 -24.65 15.25 22.76
N ASN C 49 -24.18 14.34 21.90
CA ASN C 49 -22.97 14.56 21.12
C ASN C 49 -21.80 14.97 22.00
N PHE C 50 -21.74 14.38 23.20
CA PHE C 50 -20.65 14.65 24.12
C PHE C 50 -20.27 13.35 24.80
N THR C 51 -19.55 13.44 25.92
CA THR C 51 -19.08 12.26 26.62
C THR C 51 -19.96 11.93 27.82
N ALA C 52 -20.19 10.65 28.06
CA ALA C 52 -20.94 10.21 29.23
C ALA C 52 -20.15 10.49 30.51
N GLU C 53 -18.85 10.22 30.48
CA GLU C 53 -17.99 10.45 31.64
C GLU C 53 -17.76 11.94 31.90
N GLY C 54 -17.66 12.72 30.83
CA GLY C 54 -17.46 14.15 30.96
C GLY C 54 -18.63 14.83 31.63
N GLY C 55 -19.83 14.50 31.18
CA GLY C 55 -21.04 15.08 31.73
C GLY C 55 -21.24 14.73 33.19
N ILE C 56 -20.76 13.56 33.60
CA ILE C 56 -20.89 13.12 34.98
C ILE C 56 -20.15 14.04 35.94
N ARG C 57 -18.86 14.22 35.70
CA ARG C 57 -18.06 15.08 36.57
C ARG C 57 -18.61 16.51 36.53
N ILE C 58 -19.06 16.95 35.36
CA ILE C 58 -19.63 18.29 35.22
C ILE C 58 -20.88 18.43 36.07
N GLN C 59 -21.76 17.42 35.99
CA GLN C 59 -23.00 17.43 36.76
C GLN C 59 -22.72 17.41 38.26
N LYS C 60 -21.58 16.85 38.64
CA LYS C 60 -21.21 16.75 40.05
C LYS C 60 -20.64 18.06 40.58
N GLU C 61 -19.78 18.69 39.79
CA GLU C 61 -19.19 19.96 40.19
C GLU C 61 -20.24 21.07 40.25
N ILE C 62 -20.95 21.25 39.14
CA ILE C 62 -21.95 22.31 39.05
C ILE C 62 -23.09 22.11 40.06
N GLY C 63 -23.50 20.86 40.25
CA GLY C 63 -24.53 20.53 41.20
C GLY C 63 -25.80 21.33 41.02
N ASP C 64 -26.28 21.93 42.10
CA ASP C 64 -27.52 22.71 42.08
C ASP C 64 -27.39 23.96 41.22
N GLY C 65 -26.19 24.20 40.71
CA GLY C 65 -25.94 25.34 39.87
C GLY C 65 -26.84 25.39 38.64
N PHE C 66 -27.32 24.22 38.22
CA PHE C 66 -28.18 24.15 37.05
C PHE C 66 -29.49 24.90 37.29
N LEU C 67 -29.73 25.26 38.54
CA LEU C 67 -31.00 25.84 38.94
C LEU C 67 -30.91 27.30 39.38
N THR C 68 -29.76 27.70 39.90
CA THR C 68 -29.63 29.03 40.51
C THR C 68 -28.66 29.97 39.79
N LEU C 69 -27.71 29.41 39.07
CA LEU C 69 -26.72 30.22 38.35
C LEU C 69 -27.36 30.97 37.19
N PRO C 70 -27.11 32.28 37.09
CA PRO C 70 -27.54 33.08 35.94
C PRO C 70 -26.92 32.56 34.64
N ARG C 71 -27.58 32.83 33.52
CA ARG C 71 -27.12 32.42 32.19
C ARG C 71 -25.60 32.49 32.02
N GLU C 72 -25.06 33.71 32.07
CA GLU C 72 -23.64 33.92 31.80
C GLU C 72 -22.73 33.17 32.78
N GLU C 73 -23.20 33.00 34.01
CA GLU C 73 -22.44 32.25 35.01
C GLU C 73 -22.37 30.78 34.65
N LEU C 74 -23.51 30.21 34.27
CA LEU C 74 -23.58 28.80 33.89
C LEU C 74 -22.74 28.51 32.65
N GLU C 75 -22.74 29.45 31.71
CA GLU C 75 -21.99 29.29 30.48
C GLU C 75 -20.48 29.29 30.76
N GLU C 76 -20.09 29.95 31.83
CA GLU C 76 -18.69 30.02 32.22
C GLU C 76 -18.23 28.68 32.77
N LYS C 77 -18.98 28.14 33.73
CA LYS C 77 -18.65 26.83 34.31
C LYS C 77 -18.60 25.74 33.25
N LEU C 78 -19.52 25.80 32.28
CA LEU C 78 -19.50 24.85 31.18
C LEU C 78 -18.27 25.10 30.31
N LYS C 79 -17.98 26.38 30.08
CA LYS C 79 -16.79 26.77 29.32
C LYS C 79 -15.53 26.24 29.96
N ASN C 80 -15.40 26.46 31.26
CA ASN C 80 -14.21 26.06 32.01
C ASN C 80 -14.11 24.55 32.14
N LEU C 81 -15.23 23.90 32.39
CA LEU C 81 -15.26 22.44 32.54
C LEU C 81 -15.11 21.73 31.20
N GLY C 82 -14.59 22.46 30.21
CA GLY C 82 -14.26 21.90 28.91
C GLY C 82 -15.38 21.14 28.21
N HIS C 83 -16.58 21.71 28.19
CA HIS C 83 -17.67 21.12 27.43
C HIS C 83 -17.61 21.63 26.00
N ARG C 84 -17.81 20.73 25.04
CA ARG C 84 -17.73 21.09 23.63
C ARG C 84 -18.59 22.31 23.31
N PHE C 85 -19.79 22.34 23.87
CA PHE C 85 -20.74 23.41 23.57
C PHE C 85 -21.25 24.09 24.84
N TYR C 86 -20.47 25.04 25.36
CA TYR C 86 -20.83 25.74 26.59
C TYR C 86 -22.00 26.69 26.39
N ARG C 87 -21.98 27.47 25.32
CA ARG C 87 -23.01 28.46 25.06
C ARG C 87 -24.40 27.81 24.95
N LYS C 88 -24.58 26.96 23.95
CA LYS C 88 -25.88 26.35 23.68
C LYS C 88 -26.43 25.54 24.85
N ARG C 89 -25.62 24.64 25.40
CA ARG C 89 -26.07 23.80 26.49
C ARG C 89 -26.54 24.61 27.69
N ALA C 90 -25.87 25.72 27.97
CA ALA C 90 -26.30 26.61 29.05
C ALA C 90 -27.67 27.20 28.71
N GLU C 91 -27.83 27.63 27.47
CA GLU C 91 -29.10 28.18 27.02
C GLU C 91 -30.23 27.17 27.16
N TYR C 92 -29.99 25.94 26.71
CA TYR C 92 -30.97 24.88 26.80
C TYR C 92 -31.34 24.59 28.25
N ILE C 93 -30.34 24.63 29.13
CA ILE C 93 -30.55 24.36 30.54
C ILE C 93 -31.37 25.47 31.20
N VAL C 94 -31.04 26.71 30.87
CA VAL C 94 -31.75 27.86 31.43
C VAL C 94 -33.21 27.88 30.99
N LEU C 95 -33.44 27.70 29.70
CA LEU C 95 -34.80 27.70 29.16
C LEU C 95 -35.65 26.61 29.80
N ALA C 96 -35.04 25.47 30.09
CA ALA C 96 -35.78 24.34 30.64
C ALA C 96 -36.22 24.55 32.09
N ARG C 97 -35.69 25.60 32.72
CA ARG C 97 -36.00 25.86 34.13
C ARG C 97 -37.47 26.16 34.37
N ARG C 98 -38.21 26.39 33.28
CA ARG C 98 -39.64 26.66 33.41
C ARG C 98 -40.37 25.42 33.92
N PHE C 99 -39.81 24.25 33.63
CA PHE C 99 -40.36 22.99 34.16
C PHE C 99 -39.47 22.43 35.27
N LYS C 100 -39.01 23.30 36.16
CA LYS C 100 -38.08 22.89 37.21
C LYS C 100 -38.62 21.76 38.08
N ASN C 101 -39.92 21.74 38.28
CA ASN C 101 -40.56 20.62 38.97
C ASN C 101 -40.90 19.50 37.98
N ILE C 102 -39.87 18.99 37.32
CA ILE C 102 -40.04 17.99 36.28
C ILE C 102 -40.64 16.69 36.79
N LYS C 103 -40.35 16.33 38.03
CA LYS C 103 -40.87 15.10 38.61
C LYS C 103 -42.39 15.12 38.63
N ASP C 104 -42.95 16.22 39.13
CA ASP C 104 -44.40 16.39 39.21
C ASP C 104 -45.04 16.26 37.83
N ILE C 105 -44.39 16.83 36.83
CA ILE C 105 -44.89 16.81 35.47
C ILE C 105 -44.84 15.42 34.85
N VAL C 106 -43.69 14.77 34.97
CA VAL C 106 -43.50 13.44 34.39
C VAL C 106 -44.42 12.42 35.05
N GLU C 107 -44.43 12.40 36.38
CA GLU C 107 -45.27 11.46 37.12
C GLU C 107 -46.74 11.58 36.76
N SER C 108 -47.19 12.82 36.57
CA SER C 108 -48.60 13.09 36.28
C SER C 108 -49.06 12.38 35.02
N PHE C 109 -48.13 12.10 34.12
CA PHE C 109 -48.46 11.42 32.87
C PHE C 109 -48.94 9.99 33.12
N GLU C 110 -49.63 9.44 32.13
CA GLU C 110 -50.12 8.08 32.21
C GLU C 110 -48.96 7.10 32.30
N ASN C 111 -48.16 7.04 31.24
CA ASN C 111 -47.01 6.15 31.20
C ASN C 111 -45.72 6.85 30.81
N GLU C 112 -44.71 6.07 30.45
CA GLU C 112 -43.41 6.61 30.06
C GLU C 112 -43.44 7.03 28.60
N LYS C 113 -44.21 6.29 27.82
CA LYS C 113 -44.26 6.47 26.37
C LYS C 113 -44.81 7.85 26.02
N VAL C 114 -45.80 8.30 26.78
CA VAL C 114 -46.44 9.59 26.53
C VAL C 114 -45.65 10.73 27.17
N ALA C 115 -45.08 10.48 28.34
CA ALA C 115 -44.28 11.49 29.02
C ALA C 115 -43.10 11.91 28.16
N ARG C 116 -42.40 10.92 27.60
CA ARG C 116 -41.25 11.19 26.75
C ARG C 116 -41.62 12.08 25.56
N GLU C 117 -42.85 11.94 25.09
CA GLU C 117 -43.34 12.73 23.96
C GLU C 117 -43.42 14.20 24.32
N PHE C 118 -43.89 14.48 25.53
CA PHE C 118 -43.99 15.85 26.02
C PHE C 118 -42.60 16.48 26.12
N LEU C 119 -41.68 15.78 26.77
CA LEU C 119 -40.32 16.27 26.96
C LEU C 119 -39.69 16.69 25.66
N VAL C 120 -39.78 15.82 24.66
CA VAL C 120 -39.14 16.02 23.38
C VAL C 120 -39.62 17.30 22.72
N ARG C 121 -40.95 17.39 22.58
CA ARG C 121 -41.58 18.52 21.91
C ARG C 121 -41.43 19.79 22.76
N ASN C 122 -41.54 19.65 24.08
CA ASN C 122 -41.57 20.81 24.98
C ASN C 122 -40.26 21.26 25.58
N ILE C 123 -39.15 20.73 25.11
CA ILE C 123 -37.86 21.22 25.56
C ILE C 123 -36.82 21.21 24.48
N LYS C 124 -36.28 22.39 24.23
CA LYS C 124 -35.14 22.56 23.36
C LYS C 124 -33.95 21.86 23.99
N GLY C 125 -33.26 21.09 23.18
CA GLY C 125 -32.05 20.41 23.61
C GLY C 125 -32.33 18.95 23.88
N ILE C 126 -33.62 18.62 23.88
CA ILE C 126 -34.08 17.27 24.16
C ILE C 126 -34.87 16.71 23.01
N GLY C 127 -34.39 15.57 22.54
CA GLY C 127 -35.03 14.78 21.51
C GLY C 127 -35.21 13.40 22.09
N TYR C 128 -35.37 12.39 21.24
CA TYR C 128 -35.77 11.06 21.71
C TYR C 128 -34.73 10.36 22.54
N GLN C 129 -33.49 10.35 22.06
CA GLN C 129 -32.46 9.69 22.83
C GLN C 129 -32.35 10.34 24.20
N GLU C 130 -32.12 11.65 24.23
CA GLU C 130 -32.00 12.33 25.51
C GLU C 130 -33.24 12.21 26.41
N ALA C 131 -34.43 12.16 25.81
CA ALA C 131 -35.65 12.05 26.60
C ALA C 131 -35.70 10.66 27.21
N SER C 132 -35.28 9.68 26.42
CA SER C 132 -35.25 8.30 26.87
C SER C 132 -34.18 8.14 27.93
N HIS C 133 -32.98 8.59 27.62
CA HIS C 133 -31.90 8.67 28.57
C HIS C 133 -32.38 9.21 29.91
N PHE C 134 -33.02 10.38 29.87
CA PHE C 134 -33.57 11.01 31.06
C PHE C 134 -34.46 10.03 31.80
N LEU C 135 -35.53 9.57 31.15
CA LEU C 135 -36.53 8.69 31.79
C LEU C 135 -35.92 7.40 32.38
N ARG C 136 -34.94 6.83 31.67
CA ARG C 136 -34.26 5.62 32.13
C ARG C 136 -33.56 5.88 33.45
N ASN C 137 -32.81 6.97 33.46
CA ASN C 137 -32.03 7.36 34.63
C ASN C 137 -32.84 7.58 35.91
N VAL C 138 -34.13 7.88 35.79
CA VAL C 138 -34.98 8.14 36.96
C VAL C 138 -35.84 6.96 37.37
N GLY C 139 -35.74 5.86 36.62
CA GLY C 139 -36.31 4.61 37.07
C GLY C 139 -37.22 3.93 36.07
N TYR C 140 -37.50 4.61 34.97
CA TYR C 140 -38.42 4.09 33.97
C TYR C 140 -37.78 2.99 33.14
N ASP C 141 -38.57 1.99 32.73
CA ASP C 141 -38.00 0.71 32.34
C ASP C 141 -38.14 0.29 30.87
N ASP C 142 -39.10 0.86 30.14
CA ASP C 142 -39.32 0.42 28.76
C ASP C 142 -39.13 1.47 27.66
N VAL C 143 -38.09 2.29 27.80
CA VAL C 143 -37.65 3.17 26.70
C VAL C 143 -36.20 2.86 26.32
N ALA C 144 -35.95 2.78 25.02
CA ALA C 144 -34.62 2.52 24.52
C ALA C 144 -33.87 3.83 24.30
N ILE C 145 -32.62 3.88 24.74
CA ILE C 145 -31.76 4.99 24.41
C ILE C 145 -31.04 4.55 23.17
N ILE C 146 -31.20 5.30 22.10
CA ILE C 146 -30.53 4.94 20.87
C ILE C 146 -29.49 6.00 20.52
N ASP C 147 -28.24 5.70 20.92
CA ASP C 147 -27.09 6.53 20.69
C ASP C 147 -26.15 5.87 19.68
N ARG C 148 -24.96 6.44 19.50
CA ARG C 148 -24.04 5.92 18.50
C ARG C 148 -23.66 4.44 18.71
N HIS C 149 -23.54 4.01 19.96
CA HIS C 149 -23.09 2.65 20.26
C HIS C 149 -24.17 1.57 20.10
N ILE C 150 -25.30 1.75 20.78
CA ILE C 150 -26.31 0.70 20.70
C ILE C 150 -26.75 0.60 19.24
N LEU C 151 -26.59 1.68 18.50
CA LEU C 151 -26.85 1.67 17.06
C LEU C 151 -25.76 0.90 16.33
N ARG C 152 -24.51 1.19 16.68
CA ARG C 152 -23.38 0.52 16.06
C ARG C 152 -23.60 -0.98 16.18
N GLU C 153 -23.77 -1.43 17.41
CA GLU C 153 -23.98 -2.82 17.73
C GLU C 153 -25.11 -3.43 16.86
N LEU C 154 -26.19 -2.69 16.66
CA LEU C 154 -27.38 -3.22 15.97
C LEU C 154 -27.22 -3.41 14.46
N TYR C 155 -26.22 -2.77 13.88
CA TYR C 155 -26.07 -2.82 12.45
C TYR C 155 -24.96 -3.80 12.15
N GLU C 156 -23.93 -3.75 12.99
CA GLU C 156 -22.82 -4.68 12.92
C GLU C 156 -23.36 -6.11 13.03
N ASN C 157 -24.44 -6.24 13.79
CA ASN C 157 -25.07 -7.54 14.06
C ASN C 157 -26.31 -7.79 13.20
N ASN C 158 -26.42 -7.01 12.13
CA ASN C 158 -27.52 -7.16 11.19
C ASN C 158 -28.90 -7.20 11.85
N TYR C 159 -29.22 -6.10 12.53
CA TYR C 159 -30.53 -5.88 13.10
C TYR C 159 -31.13 -4.70 12.36
N ILE C 160 -30.26 -3.77 12.01
CA ILE C 160 -30.63 -2.72 11.09
C ILE C 160 -29.65 -2.77 9.93
N ASP C 161 -30.01 -2.09 8.86
CA ASP C 161 -29.34 -2.28 7.58
C ASP C 161 -28.49 -1.06 7.19
N GLU C 162 -28.91 0.13 7.63
CA GLU C 162 -28.10 1.33 7.45
C GLU C 162 -27.95 2.09 8.77
N ILE C 163 -26.84 2.79 8.97
CA ILE C 163 -26.75 3.76 10.06
C ILE C 163 -27.46 5.03 9.63
N PRO C 164 -28.80 5.09 9.85
CA PRO C 164 -29.55 6.19 9.23
C PRO C 164 -28.91 7.53 9.55
N LYS C 165 -28.72 8.36 8.53
CA LYS C 165 -28.34 9.74 8.77
C LYS C 165 -29.29 10.30 9.84
N THR C 166 -30.59 10.29 9.56
CA THR C 166 -31.55 10.89 10.47
C THR C 166 -32.44 9.89 11.21
N LEU C 167 -32.19 9.69 12.50
CA LEU C 167 -33.02 8.76 13.23
C LEU C 167 -34.31 9.49 13.55
N SER C 168 -35.31 9.20 12.71
CA SER C 168 -36.65 9.77 12.79
C SER C 168 -37.45 9.19 13.93
N ARG C 169 -38.49 9.91 14.34
CA ARG C 169 -39.32 9.44 15.43
C ARG C 169 -39.87 8.11 14.95
N ARG C 170 -40.20 8.02 13.67
CA ARG C 170 -40.68 6.77 13.10
C ARG C 170 -39.50 5.79 13.04
N LYS C 171 -38.28 6.31 12.96
CA LYS C 171 -37.09 5.48 13.10
C LYS C 171 -36.93 5.07 14.56
N TYR C 172 -36.71 6.05 15.43
CA TYR C 172 -36.44 5.79 16.85
C TYR C 172 -37.33 4.71 17.47
N LEU C 173 -38.53 4.55 16.92
CA LEU C 173 -39.53 3.71 17.55
C LEU C 173 -39.61 2.31 16.93
N GLU C 174 -39.19 2.19 15.68
CA GLU C 174 -39.07 0.88 15.06
C GLU C 174 -37.86 0.20 15.67
N ILE C 175 -36.73 0.89 15.66
CA ILE C 175 -35.56 0.45 16.38
C ILE C 175 -35.91 0.14 17.84
N GLU C 176 -36.58 1.04 18.53
CA GLU C 176 -36.89 0.80 19.93
C GLU C 176 -37.65 -0.52 20.10
N ASN C 177 -38.42 -0.91 19.10
CA ASN C 177 -39.24 -2.12 19.17
C ASN C 177 -38.40 -3.37 18.93
N ILE C 178 -37.55 -3.28 17.92
CA ILE C 178 -36.54 -4.31 17.68
C ILE C 178 -35.82 -4.70 18.97
N LEU C 179 -35.27 -3.69 19.64
CA LEU C 179 -34.55 -3.91 20.90
C LEU C 179 -35.42 -4.62 21.91
N ARG C 180 -36.69 -4.23 21.93
CA ARG C 180 -37.62 -4.79 22.90
C ARG C 180 -37.85 -6.26 22.61
N ASP C 181 -37.55 -6.69 21.38
CA ASP C 181 -37.68 -8.09 20.98
C ASP C 181 -36.37 -8.82 21.27
N ILE C 182 -35.26 -8.13 21.03
CA ILE C 182 -33.98 -8.61 21.49
C ILE C 182 -34.05 -8.81 22.98
N GLY C 183 -34.95 -8.07 23.62
CA GLY C 183 -35.13 -8.11 25.06
C GLY C 183 -35.71 -9.40 25.59
N GLU C 184 -36.79 -9.88 24.97
CA GLU C 184 -37.44 -11.10 25.42
C GLU C 184 -36.57 -12.32 25.15
N GLU C 185 -35.71 -12.22 24.14
CA GLU C 185 -34.75 -13.26 23.81
C GLU C 185 -33.85 -13.55 25.00
N VAL C 186 -33.36 -12.50 25.64
CA VAL C 186 -32.42 -12.62 26.75
C VAL C 186 -33.11 -12.44 28.11
N ASN C 187 -34.37 -12.01 28.07
CA ASN C 187 -35.16 -11.76 29.28
C ASN C 187 -34.64 -10.57 30.12
N LEU C 188 -34.61 -9.39 29.50
CA LEU C 188 -34.13 -8.15 30.11
C LEU C 188 -35.07 -6.97 29.80
N LYS C 189 -35.24 -6.04 30.76
CA LYS C 189 -35.97 -4.79 30.51
C LYS C 189 -35.18 -3.88 29.56
N LEU C 190 -35.85 -3.01 28.84
CA LEU C 190 -35.12 -2.17 27.91
C LEU C 190 -33.99 -1.45 28.64
N SER C 191 -34.23 -1.00 29.87
CA SER C 191 -33.17 -0.33 30.62
C SER C 191 -31.95 -1.23 30.93
N GLU C 192 -32.19 -2.47 31.33
CA GLU C 192 -31.10 -3.40 31.66
C GLU C 192 -30.25 -3.77 30.44
N LEU C 193 -30.94 -4.01 29.34
CA LEU C 193 -30.37 -4.34 28.04
C LEU C 193 -29.45 -3.23 27.54
N ASP C 194 -29.87 -1.98 27.72
CA ASP C 194 -29.07 -0.84 27.24
C ASP C 194 -27.71 -0.78 27.90
N LEU C 195 -27.68 -1.06 29.19
CA LEU C 195 -26.43 -1.11 29.91
C LEU C 195 -25.58 -2.28 29.43
N TYR C 196 -26.23 -3.38 29.06
CA TYR C 196 -25.50 -4.52 28.55
C TYR C 196 -24.87 -4.19 27.19
N ILE C 197 -25.69 -3.71 26.25
CA ILE C 197 -25.15 -3.38 24.93
C ILE C 197 -24.07 -2.31 25.02
N TRP C 198 -24.33 -1.29 25.80
CA TRP C 198 -23.37 -0.20 25.95
C TRP C 198 -22.00 -0.68 26.45
N TYR C 199 -22.00 -1.53 27.46
CA TYR C 199 -20.76 -2.04 28.02
C TYR C 199 -19.94 -2.80 27.00
N LEU C 200 -20.60 -3.63 26.20
CA LEU C 200 -19.91 -4.35 25.13
C LEU C 200 -19.10 -3.38 24.30
N ARG C 201 -19.75 -2.31 23.87
CA ARG C 201 -19.13 -1.28 23.06
C ARG C 201 -17.98 -0.58 23.81
N THR C 202 -18.20 -0.30 25.09
CA THR C 202 -17.35 0.64 25.82
C THR C 202 -16.60 0.07 27.00
N GLY C 203 -16.89 -1.15 27.38
CA GLY C 203 -16.28 -1.72 28.56
C GLY C 203 -16.44 -0.87 29.81
N LYS C 204 -17.35 0.10 29.76
CA LYS C 204 -17.70 0.87 30.96
C LYS C 204 -19.20 0.83 31.18
N VAL C 205 -19.60 0.90 32.45
CA VAL C 205 -21.02 0.87 32.79
C VAL C 205 -21.36 1.97 33.79
N LEU C 206 -21.65 3.16 33.27
CA LEU C 206 -22.00 4.31 34.11
C LEU C 206 -23.48 4.65 34.00
N LYS C 207 -23.80 5.57 33.10
CA LYS C 207 -25.18 5.99 32.89
C LYS C 207 -25.31 6.87 31.66
N MET D 2 37.41 26.08 -30.32
CA MET D 2 38.15 25.22 -31.23
C MET D 2 37.22 24.24 -31.96
N LEU D 3 36.53 23.42 -31.18
CA LEU D 3 35.57 22.46 -31.74
C LEU D 3 34.66 23.17 -32.74
N ILE D 4 34.19 24.34 -32.36
CA ILE D 4 33.33 25.14 -33.23
C ILE D 4 33.99 25.30 -34.58
N LYS D 5 35.21 25.83 -34.56
CA LYS D 5 35.98 26.04 -35.78
C LYS D 5 36.07 24.79 -36.64
N LYS D 6 36.46 23.69 -36.01
CA LYS D 6 36.62 22.41 -36.71
C LYS D 6 35.35 22.04 -37.46
N ILE D 7 34.21 22.15 -36.80
CA ILE D 7 32.94 21.79 -37.40
C ILE D 7 32.59 22.74 -38.53
N GLU D 8 32.83 24.03 -38.32
CA GLU D 8 32.56 25.05 -39.31
C GLU D 8 33.16 24.69 -40.66
N GLU D 9 34.38 24.19 -40.65
CA GLU D 9 35.10 23.87 -41.89
C GLU D 9 34.66 22.54 -42.48
N LEU D 10 34.12 21.66 -41.66
CA LEU D 10 33.56 20.40 -42.15
C LEU D 10 32.24 20.67 -42.86
N LYS D 11 31.49 21.62 -42.34
CA LYS D 11 30.25 22.06 -42.98
C LYS D 11 30.58 22.59 -44.37
N ASN D 12 31.81 23.10 -44.50
CA ASN D 12 32.30 23.60 -45.78
C ASN D 12 32.85 22.48 -46.63
N SER D 13 33.79 21.72 -46.07
CA SER D 13 34.44 20.64 -46.78
C SER D 13 33.43 19.69 -47.40
N GLU D 14 33.87 18.92 -48.39
CA GLU D 14 32.99 17.99 -49.10
C GLU D 14 32.55 16.84 -48.21
N ILE D 15 32.78 16.98 -46.91
CA ILE D 15 32.32 15.99 -45.93
C ILE D 15 30.83 16.21 -45.64
N LYS D 16 30.43 17.47 -45.64
CA LYS D 16 29.04 17.84 -45.42
C LYS D 16 28.12 17.19 -46.45
N ASP D 17 28.68 16.86 -47.60
CA ASP D 17 27.91 16.24 -48.68
C ASP D 17 27.53 14.80 -48.33
N ILE D 18 28.41 14.14 -47.58
CA ILE D 18 28.19 12.74 -47.20
C ILE D 18 27.25 12.63 -46.00
N ILE D 19 27.48 13.48 -45.01
CA ILE D 19 26.66 13.50 -43.81
C ILE D 19 25.17 13.64 -44.13
N ASP D 20 24.86 14.30 -45.24
CA ASP D 20 23.46 14.52 -45.61
C ASP D 20 22.91 13.49 -46.58
N LYS D 21 23.78 12.70 -47.19
CA LYS D 21 23.32 11.51 -47.89
C LYS D 21 22.99 10.49 -46.81
N ARG D 22 23.55 10.73 -45.63
CA ARG D 22 23.36 9.86 -44.47
C ARG D 22 22.17 10.30 -43.64
N ILE D 23 22.10 11.60 -43.36
CA ILE D 23 21.00 12.16 -42.60
C ILE D 23 19.66 11.87 -43.27
N GLN D 24 19.63 11.99 -44.60
CA GLN D 24 18.42 11.68 -45.35
C GLN D 24 18.27 10.16 -45.48
N GLU D 25 19.40 9.46 -45.41
CA GLU D 25 19.40 8.00 -45.46
C GLU D 25 18.58 7.47 -44.29
N PHE D 26 18.51 8.26 -43.21
CA PHE D 26 17.69 7.93 -42.06
C PHE D 26 16.24 8.33 -42.28
N LYS D 27 16.03 9.59 -42.65
CA LYS D 27 14.69 10.14 -42.85
C LYS D 27 13.78 9.24 -43.67
N SER D 28 14.37 8.52 -44.63
CA SER D 28 13.60 7.67 -45.54
C SER D 28 12.88 6.54 -44.81
N PHE D 29 13.23 6.32 -43.55
CA PHE D 29 12.60 5.27 -42.77
C PHE D 29 11.11 5.50 -42.58
N LYS D 30 10.63 6.68 -42.96
CA LYS D 30 9.21 6.97 -42.91
C LYS D 30 8.51 6.07 -43.92
N ASN D 31 9.29 5.50 -44.83
CA ASN D 31 8.78 4.66 -45.90
C ASN D 31 9.26 3.22 -45.80
N LYS D 32 9.80 2.85 -44.64
CA LYS D 32 10.31 1.50 -44.43
C LYS D 32 9.37 0.66 -43.57
N SER D 33 9.54 -0.65 -43.64
CA SER D 33 8.66 -1.59 -42.95
C SER D 33 9.04 -1.78 -41.48
N ASN D 34 8.12 -2.39 -40.72
CA ASN D 34 8.38 -2.71 -39.32
C ASN D 34 9.61 -3.58 -39.15
N GLU D 35 9.81 -4.52 -40.07
CA GLU D 35 10.98 -5.40 -40.03
C GLU D 35 12.26 -4.59 -40.18
N GLU D 36 12.26 -3.66 -41.12
CA GLU D 36 13.39 -2.77 -41.33
C GLU D 36 13.72 -1.99 -40.07
N TRP D 37 12.71 -1.32 -39.52
CA TRP D 37 12.86 -0.57 -38.28
C TRP D 37 13.44 -1.46 -37.19
N PHE D 38 12.84 -2.65 -37.05
CA PHE D 38 13.32 -3.61 -36.06
C PHE D 38 14.77 -4.01 -36.34
N LYS D 39 15.09 -4.25 -37.60
CA LYS D 39 16.47 -4.60 -37.97
C LYS D 39 17.43 -3.49 -37.57
N GLU D 40 16.92 -2.26 -37.49
CA GLU D 40 17.74 -1.15 -37.05
C GLU D 40 17.92 -1.17 -35.54
N LEU D 41 16.87 -1.53 -34.82
CA LEU D 41 16.95 -1.69 -33.38
C LEU D 41 18.02 -2.72 -33.02
N CYS D 42 18.01 -3.84 -33.73
CA CYS D 42 18.98 -4.90 -33.50
C CYS D 42 20.39 -4.37 -33.74
N PHE D 43 20.56 -3.61 -34.81
CA PHE D 43 21.85 -3.02 -35.12
C PHE D 43 22.38 -2.23 -33.93
N CYS D 44 21.48 -1.52 -33.24
CA CYS D 44 21.86 -0.77 -32.06
C CYS D 44 22.25 -1.70 -30.91
N ILE D 45 21.44 -2.74 -30.72
CA ILE D 45 21.72 -3.72 -29.67
C ILE D 45 23.08 -4.38 -29.89
N LEU D 46 23.41 -4.63 -31.15
CA LEU D 46 24.68 -5.27 -31.51
C LEU D 46 25.84 -4.31 -31.40
N THR D 47 25.56 -3.02 -31.50
CA THR D 47 26.60 -2.02 -31.59
C THR D 47 27.25 -1.69 -30.24
N ALA D 48 26.47 -1.73 -29.18
CA ALA D 48 26.98 -1.39 -27.84
C ALA D 48 28.31 -2.07 -27.55
N ASN D 49 29.28 -1.28 -27.07
CA ASN D 49 30.62 -1.78 -26.79
C ASN D 49 31.17 -2.66 -27.92
N PHE D 50 30.90 -2.24 -29.15
CA PHE D 50 31.33 -2.99 -30.32
C PHE D 50 31.82 -2.01 -31.39
N THR D 51 31.87 -2.48 -32.64
CA THR D 51 32.37 -1.66 -33.74
C THR D 51 31.28 -1.43 -34.79
N ALA D 52 31.17 -0.20 -35.28
CA ALA D 52 30.19 0.12 -36.30
C ALA D 52 30.38 -0.76 -37.54
N GLU D 53 31.61 -0.82 -38.05
CA GLU D 53 31.91 -1.67 -39.20
C GLU D 53 31.35 -3.07 -38.97
N GLY D 54 31.77 -3.69 -37.88
CA GLY D 54 31.30 -5.02 -37.54
C GLY D 54 29.80 -5.09 -37.45
N GLY D 55 29.20 -4.05 -36.88
CA GLY D 55 27.76 -3.96 -36.76
C GLY D 55 27.08 -3.92 -38.11
N ILE D 56 27.67 -3.16 -39.04
CA ILE D 56 27.12 -3.05 -40.38
C ILE D 56 27.18 -4.40 -41.09
N ARG D 57 28.34 -5.02 -41.09
CA ARG D 57 28.50 -6.33 -41.69
C ARG D 57 27.44 -7.27 -41.14
N ILE D 58 27.52 -7.52 -39.83
CA ILE D 58 26.60 -8.44 -39.16
C ILE D 58 25.15 -8.19 -39.53
N GLN D 59 24.77 -6.93 -39.69
CA GLN D 59 23.40 -6.60 -40.07
C GLN D 59 23.12 -7.03 -41.51
N LYS D 60 23.93 -6.57 -42.45
CA LYS D 60 23.75 -6.90 -43.85
C LYS D 60 23.83 -8.40 -44.09
N GLU D 61 24.73 -9.06 -43.37
CA GLU D 61 24.95 -10.49 -43.51
C GLU D 61 23.78 -11.31 -42.98
N ILE D 62 23.10 -10.80 -41.95
CA ILE D 62 22.00 -11.51 -41.32
C ILE D 62 20.64 -11.11 -41.86
N GLY D 63 20.49 -9.84 -42.22
CA GLY D 63 19.27 -9.35 -42.81
C GLY D 63 18.03 -9.61 -41.97
N ASP D 64 17.04 -10.29 -42.55
CA ASP D 64 15.81 -10.61 -41.83
C ASP D 64 15.99 -11.81 -40.90
N GLY D 65 17.21 -12.30 -40.77
CA GLY D 65 17.52 -13.37 -39.84
C GLY D 65 17.31 -12.89 -38.41
N PHE D 66 17.42 -11.57 -38.23
CA PHE D 66 17.19 -10.95 -36.93
C PHE D 66 15.76 -11.20 -36.45
N LEU D 67 14.89 -11.60 -37.36
CA LEU D 67 13.46 -11.67 -37.05
C LEU D 67 12.88 -13.08 -37.26
N THR D 68 13.72 -14.02 -37.65
CA THR D 68 13.24 -15.37 -37.94
C THR D 68 14.10 -16.47 -37.32
N LEU D 69 15.34 -16.12 -36.97
CA LEU D 69 16.28 -17.08 -36.40
C LEU D 69 15.96 -17.46 -34.96
N PRO D 70 16.01 -18.78 -34.66
CA PRO D 70 15.84 -19.26 -33.28
C PRO D 70 16.97 -18.73 -32.40
N ARG D 71 16.76 -18.72 -31.09
CA ARG D 71 17.77 -18.22 -30.17
C ARG D 71 19.10 -18.95 -30.32
N GLU D 72 19.05 -20.27 -30.49
CA GLU D 72 20.27 -21.06 -30.65
C GLU D 72 20.89 -20.89 -32.03
N GLU D 73 20.07 -20.82 -33.06
CA GLU D 73 20.56 -20.68 -34.42
C GLU D 73 21.09 -19.27 -34.69
N LEU D 74 20.39 -18.28 -34.17
CA LEU D 74 20.83 -16.89 -34.30
C LEU D 74 22.14 -16.68 -33.54
N GLU D 75 22.19 -17.22 -32.33
CA GLU D 75 23.37 -17.11 -31.48
C GLU D 75 24.62 -17.60 -32.22
N GLU D 76 24.47 -18.70 -32.96
CA GLU D 76 25.60 -19.30 -33.66
C GLU D 76 26.12 -18.39 -34.77
N LYS D 77 25.20 -17.85 -35.58
CA LYS D 77 25.59 -16.95 -36.65
C LYS D 77 26.42 -15.76 -36.14
N LEU D 78 26.01 -15.20 -35.02
CA LEU D 78 26.75 -14.10 -34.40
C LEU D 78 28.17 -14.56 -34.04
N LYS D 79 28.27 -15.79 -33.57
CA LYS D 79 29.56 -16.40 -33.26
C LYS D 79 30.41 -16.46 -34.52
N ASN D 80 29.76 -16.73 -35.65
CA ASN D 80 30.45 -16.83 -36.93
C ASN D 80 31.04 -15.51 -37.39
N LEU D 81 30.21 -14.47 -37.42
CA LEU D 81 30.60 -13.16 -37.92
C LEU D 81 31.56 -12.43 -36.97
N GLY D 82 31.97 -13.12 -35.91
CA GLY D 82 32.95 -12.58 -34.98
C GLY D 82 32.48 -11.39 -34.16
N HIS D 83 31.33 -11.53 -33.50
CA HIS D 83 30.85 -10.51 -32.57
C HIS D 83 31.43 -10.78 -31.18
N ARG D 84 31.79 -9.72 -30.46
CA ARG D 84 32.37 -9.85 -29.13
C ARG D 84 31.46 -10.62 -28.17
N PHE D 85 30.20 -10.21 -28.08
CA PHE D 85 29.27 -10.81 -27.14
C PHE D 85 28.07 -11.46 -27.84
N TYR D 86 28.24 -12.71 -28.24
CA TYR D 86 27.22 -13.40 -29.03
C TYR D 86 26.07 -13.96 -28.19
N ARG D 87 26.40 -14.59 -27.06
CA ARG D 87 25.39 -15.15 -26.17
C ARG D 87 24.38 -14.10 -25.71
N LYS D 88 24.90 -13.04 -25.10
CA LYS D 88 24.07 -11.99 -24.54
C LYS D 88 23.26 -11.27 -25.61
N ARG D 89 23.94 -10.70 -26.59
CA ARG D 89 23.29 -9.90 -27.62
C ARG D 89 22.24 -10.68 -28.40
N ALA D 90 22.45 -11.98 -28.56
CA ALA D 90 21.48 -12.83 -29.24
C ALA D 90 20.23 -12.99 -28.38
N GLU D 91 20.41 -13.03 -27.07
CA GLU D 91 19.32 -13.14 -26.12
C GLU D 91 18.41 -11.91 -26.20
N TYR D 92 19.03 -10.75 -26.32
CA TYR D 92 18.30 -9.50 -26.41
C TYR D 92 17.45 -9.44 -27.67
N ILE D 93 18.05 -9.83 -28.80
CA ILE D 93 17.34 -9.85 -30.07
C ILE D 93 16.02 -10.61 -29.93
N VAL D 94 16.13 -11.88 -29.56
CA VAL D 94 14.96 -12.74 -29.39
C VAL D 94 13.96 -12.10 -28.44
N LEU D 95 14.42 -11.74 -27.24
CA LEU D 95 13.56 -11.13 -26.23
C LEU D 95 12.86 -9.88 -26.75
N ALA D 96 13.51 -9.15 -27.64
CA ALA D 96 12.98 -7.90 -28.16
C ALA D 96 11.79 -8.12 -29.09
N ARG D 97 11.70 -9.32 -29.67
CA ARG D 97 10.67 -9.61 -30.65
C ARG D 97 9.25 -9.35 -30.16
N ARG D 98 9.09 -9.24 -28.85
CA ARG D 98 7.79 -8.88 -28.28
C ARG D 98 7.28 -7.58 -28.89
N PHE D 99 8.21 -6.70 -29.25
CA PHE D 99 7.86 -5.44 -29.91
C PHE D 99 8.35 -5.40 -31.35
N LYS D 100 8.02 -6.44 -32.12
CA LYS D 100 8.48 -6.51 -33.51
C LYS D 100 7.78 -5.46 -34.37
N ASN D 101 6.65 -4.95 -33.90
CA ASN D 101 5.99 -3.82 -34.55
C ASN D 101 6.53 -2.51 -33.98
N ILE D 102 7.85 -2.38 -34.00
CA ILE D 102 8.52 -1.26 -33.34
C ILE D 102 8.19 0.10 -33.96
N LYS D 103 7.99 0.13 -35.27
CA LYS D 103 7.67 1.37 -35.97
C LYS D 103 6.36 1.96 -35.46
N ASP D 104 5.35 1.10 -35.33
CA ASP D 104 4.03 1.53 -34.90
C ASP D 104 4.06 1.95 -33.44
N ILE D 105 4.81 1.21 -32.62
CA ILE D 105 4.93 1.52 -31.21
C ILE D 105 5.60 2.86 -30.99
N VAL D 106 6.66 3.12 -31.75
CA VAL D 106 7.44 4.34 -31.60
C VAL D 106 6.73 5.56 -32.19
N GLU D 107 6.10 5.38 -33.35
CA GLU D 107 5.41 6.48 -34.04
C GLU D 107 4.15 6.94 -33.31
N SER D 108 3.79 6.27 -32.23
CA SER D 108 2.52 6.55 -31.54
C SER D 108 2.71 7.36 -30.26
N PHE D 109 3.95 7.62 -29.90
CA PHE D 109 4.25 8.37 -28.68
C PHE D 109 4.06 9.87 -28.88
N GLU D 110 3.95 10.59 -27.76
CA GLU D 110 3.86 12.04 -27.78
C GLU D 110 4.97 12.65 -28.63
N ASN D 111 6.21 12.28 -28.31
CA ASN D 111 7.37 12.77 -29.04
C ASN D 111 8.50 11.75 -29.07
N GLU D 112 9.71 12.21 -29.34
CA GLU D 112 10.87 11.33 -29.39
C GLU D 112 11.51 11.17 -28.02
N LYS D 113 11.55 12.25 -27.24
CA LYS D 113 12.10 12.22 -25.89
C LYS D 113 11.37 11.21 -25.01
N VAL D 114 10.08 11.06 -25.22
CA VAL D 114 9.27 10.11 -24.46
C VAL D 114 9.43 8.69 -24.99
N ALA D 115 9.51 8.57 -26.31
CA ALA D 115 9.69 7.26 -26.95
C ALA D 115 10.98 6.61 -26.46
N ARG D 116 12.04 7.40 -26.39
CA ARG D 116 13.33 6.92 -25.91
C ARG D 116 13.18 6.34 -24.52
N GLU D 117 12.39 7.01 -23.69
CA GLU D 117 12.18 6.61 -22.31
C GLU D 117 11.62 5.19 -22.24
N PHE D 118 10.79 4.85 -23.22
CA PHE D 118 10.09 3.57 -23.24
C PHE D 118 11.02 2.43 -23.62
N LEU D 119 11.86 2.66 -24.62
CA LEU D 119 12.76 1.64 -25.13
C LEU D 119 13.80 1.23 -24.09
N VAL D 120 14.33 2.22 -23.37
CA VAL D 120 15.32 1.99 -22.33
C VAL D 120 14.85 0.95 -21.33
N ARG D 121 13.77 1.27 -20.62
CA ARG D 121 13.33 0.42 -19.51
C ARG D 121 12.67 -0.87 -19.97
N ASN D 122 12.15 -0.89 -21.19
CA ASN D 122 11.41 -2.04 -21.72
C ASN D 122 12.21 -2.93 -22.68
N ILE D 123 13.41 -2.51 -23.03
CA ILE D 123 14.25 -3.40 -23.80
C ILE D 123 15.59 -3.63 -23.11
N LYS D 124 15.80 -4.88 -22.72
CA LYS D 124 17.08 -5.33 -22.18
C LYS D 124 18.05 -5.16 -23.32
N GLY D 125 19.15 -4.48 -23.08
CA GLY D 125 20.16 -4.31 -24.10
C GLY D 125 20.19 -2.90 -24.64
N ILE D 126 19.16 -2.13 -24.32
CA ILE D 126 19.07 -0.72 -24.71
C ILE D 126 19.10 0.21 -23.50
N GLY D 127 20.10 1.07 -23.48
CA GLY D 127 20.19 2.10 -22.47
C GLY D 127 19.85 3.34 -23.22
N TYR D 128 20.27 4.49 -22.71
CA TYR D 128 19.99 5.74 -23.40
C TYR D 128 20.88 5.90 -24.61
N GLN D 129 22.13 5.44 -24.49
CA GLN D 129 23.07 5.52 -25.58
C GLN D 129 22.43 4.96 -26.83
N GLU D 130 21.99 3.71 -26.75
CA GLU D 130 21.58 2.99 -27.95
C GLU D 130 20.15 3.29 -28.36
N ALA D 131 19.33 3.78 -27.44
CA ALA D 131 17.98 4.20 -27.78
C ALA D 131 18.05 5.47 -28.62
N SER D 132 18.85 6.42 -28.16
CA SER D 132 19.10 7.65 -28.89
C SER D 132 19.62 7.35 -30.28
N HIS D 133 20.42 6.29 -30.37
CA HIS D 133 21.00 5.80 -31.61
C HIS D 133 19.91 5.27 -32.57
N PHE D 134 19.02 4.44 -32.03
CA PHE D 134 17.84 3.97 -32.78
C PHE D 134 17.05 5.14 -33.31
N LEU D 135 16.49 5.94 -32.41
CA LEU D 135 15.69 7.09 -32.81
C LEU D 135 16.34 7.88 -33.95
N ARG D 136 17.59 8.26 -33.77
CA ARG D 136 18.37 8.98 -34.78
C ARG D 136 18.37 8.26 -36.12
N ASN D 137 18.80 7.01 -36.10
CA ASN D 137 18.94 6.23 -37.32
C ASN D 137 17.66 6.04 -38.14
N VAL D 138 16.52 6.49 -37.62
CA VAL D 138 15.22 6.29 -38.29
C VAL D 138 14.46 7.58 -38.60
N GLY D 139 15.09 8.72 -38.32
CA GLY D 139 14.54 9.99 -38.73
C GLY D 139 14.67 11.09 -37.69
N TYR D 140 14.99 10.70 -36.46
CA TYR D 140 14.89 11.62 -35.33
C TYR D 140 16.10 12.54 -35.08
N ASP D 141 15.77 13.83 -34.90
CA ASP D 141 16.73 14.92 -34.94
C ASP D 141 17.17 15.41 -33.56
N ASP D 142 16.23 15.59 -32.64
CA ASP D 142 16.58 16.18 -31.34
C ASP D 142 17.04 15.20 -30.24
N VAL D 143 17.61 14.08 -30.64
CA VAL D 143 18.23 13.16 -29.68
C VAL D 143 19.72 13.10 -29.93
N ALA D 144 20.49 12.95 -28.86
CA ALA D 144 21.94 12.88 -28.94
C ALA D 144 22.41 11.48 -28.62
N ILE D 145 23.44 11.01 -29.30
CA ILE D 145 24.02 9.73 -28.97
C ILE D 145 25.31 10.05 -28.27
N ILE D 146 25.48 9.54 -27.06
CA ILE D 146 26.66 9.88 -26.25
C ILE D 146 27.45 8.64 -25.85
N ASP D 147 28.35 8.26 -26.75
CA ASP D 147 29.25 7.13 -26.58
C ASP D 147 30.66 7.60 -26.25
N ARG D 148 31.60 6.67 -26.26
CA ARG D 148 32.97 6.95 -25.87
C ARG D 148 33.55 8.13 -26.62
N HIS D 149 33.31 8.16 -27.92
CA HIS D 149 33.96 9.11 -28.81
C HIS D 149 33.56 10.55 -28.57
N ILE D 150 32.27 10.83 -28.71
CA ILE D 150 31.80 12.20 -28.53
C ILE D 150 31.96 12.65 -27.08
N LEU D 151 31.94 11.70 -26.15
CA LEU D 151 32.38 11.99 -24.79
C LEU D 151 33.78 12.56 -24.86
N ARG D 152 34.66 11.86 -25.56
CA ARG D 152 36.06 12.26 -25.60
C ARG D 152 36.22 13.66 -26.17
N GLU D 153 35.43 14.00 -27.19
CA GLU D 153 35.53 15.32 -27.76
C GLU D 153 34.90 16.37 -26.86
N LEU D 154 34.12 15.91 -25.87
CA LEU D 154 33.48 16.84 -24.94
C LEU D 154 34.32 17.06 -23.69
N TYR D 155 35.04 16.02 -23.29
CA TYR D 155 35.96 16.10 -22.18
C TYR D 155 37.19 16.84 -22.66
N GLU D 156 37.60 16.52 -23.90
CA GLU D 156 38.82 17.05 -24.48
C GLU D 156 38.70 18.55 -24.68
N ASN D 157 37.66 18.97 -25.38
CA ASN D 157 37.42 20.39 -25.55
C ASN D 157 36.88 21.02 -24.27
N ASN D 158 36.86 20.25 -23.19
CA ASN D 158 36.52 20.74 -21.85
C ASN D 158 35.04 21.13 -21.61
N TYR D 159 34.14 20.68 -22.47
CA TYR D 159 32.72 20.91 -22.23
C TYR D 159 32.29 20.16 -20.98
N ILE D 160 32.93 19.05 -20.72
CA ILE D 160 32.65 18.29 -19.50
C ILE D 160 33.89 18.10 -18.64
N ASP D 161 33.68 18.23 -17.33
CA ASP D 161 34.71 18.14 -16.34
C ASP D 161 35.46 16.82 -16.48
N GLU D 162 34.74 15.72 -16.35
CA GLU D 162 35.34 14.40 -16.44
C GLU D 162 34.51 13.44 -17.28
N ILE D 163 35.18 12.42 -17.83
CA ILE D 163 34.54 11.32 -18.54
C ILE D 163 33.95 10.37 -17.50
N PRO D 164 32.62 10.39 -17.36
CA PRO D 164 31.93 9.73 -16.24
C PRO D 164 32.23 8.24 -16.14
N LYS D 165 32.55 7.78 -14.93
CA LYS D 165 32.76 6.35 -14.72
C LYS D 165 31.44 5.66 -15.08
N THR D 166 30.36 6.43 -15.07
CA THR D 166 29.01 5.97 -15.43
C THR D 166 28.16 7.10 -16.06
N LEU D 167 27.02 6.74 -16.66
CA LEU D 167 26.11 7.73 -17.27
C LEU D 167 24.65 7.62 -16.79
N SER D 168 24.32 8.26 -15.68
CA SER D 168 22.96 8.17 -15.16
C SER D 168 22.03 8.85 -16.15
N ARG D 169 20.73 8.58 -16.06
CA ARG D 169 19.83 9.28 -16.93
C ARG D 169 19.99 10.76 -16.71
N ARG D 170 20.15 11.14 -15.44
CA ARG D 170 20.29 12.57 -15.10
C ARG D 170 21.44 13.21 -15.87
N LYS D 171 22.57 12.52 -15.93
CA LYS D 171 23.75 13.02 -16.62
C LYS D 171 23.57 13.02 -18.14
N TYR D 172 22.95 11.97 -18.67
CA TYR D 172 22.76 11.86 -20.12
C TYR D 172 21.96 13.02 -20.66
N LEU D 173 21.04 13.51 -19.84
CA LEU D 173 20.13 14.57 -20.25
C LEU D 173 20.75 15.94 -20.02
N GLU D 174 21.79 15.96 -19.21
CA GLU D 174 22.54 17.18 -18.97
C GLU D 174 23.46 17.40 -20.13
N ILE D 175 24.30 16.41 -20.35
CA ILE D 175 25.22 16.43 -21.47
C ILE D 175 24.44 16.61 -22.76
N GLU D 176 23.45 15.76 -23.00
CA GLU D 176 22.73 15.82 -24.25
C GLU D 176 22.32 17.26 -24.52
N ASN D 177 22.11 18.03 -23.46
CA ASN D 177 21.70 19.43 -23.60
C ASN D 177 22.86 20.32 -23.96
N ILE D 178 24.00 20.08 -23.33
CA ILE D 178 25.21 20.79 -23.69
C ILE D 178 25.45 20.58 -25.17
N LEU D 179 25.23 19.34 -25.61
CA LEU D 179 25.34 19.02 -27.01
C LEU D 179 24.34 19.83 -27.81
N ARG D 180 23.14 19.97 -27.26
CA ARG D 180 22.08 20.68 -27.96
C ARG D 180 22.42 22.15 -28.14
N ASP D 181 22.90 22.78 -27.06
CA ASP D 181 23.26 24.19 -27.12
C ASP D 181 24.46 24.43 -28.04
N ILE D 182 25.39 23.49 -28.07
CA ILE D 182 26.50 23.59 -29.01
C ILE D 182 26.00 23.67 -30.44
N GLY D 183 24.98 22.87 -30.75
CA GLY D 183 24.49 22.72 -32.11
C GLY D 183 23.70 23.90 -32.64
N GLU D 184 23.38 24.84 -31.75
CA GLU D 184 22.71 26.06 -32.18
C GLU D 184 23.73 26.99 -32.84
N GLU D 185 24.98 26.90 -32.38
CA GLU D 185 26.04 27.76 -32.89
C GLU D 185 26.57 27.31 -34.25
N VAL D 186 26.84 26.02 -34.34
CA VAL D 186 27.27 25.36 -35.56
C VAL D 186 26.03 25.26 -36.45
N ASN D 187 24.86 25.58 -35.87
CA ASN D 187 23.57 25.53 -36.56
C ASN D 187 23.10 24.18 -37.09
N LEU D 188 23.28 23.13 -36.29
CA LEU D 188 22.90 21.79 -36.65
C LEU D 188 21.97 21.18 -35.62
N LYS D 189 20.97 20.46 -36.11
CA LYS D 189 20.11 19.64 -35.28
C LYS D 189 20.99 18.62 -34.56
N LEU D 190 20.47 17.97 -33.52
CA LEU D 190 21.28 16.99 -32.80
C LEU D 190 21.70 15.79 -33.66
N SER D 191 20.85 15.35 -34.57
CA SER D 191 21.19 14.18 -35.36
C SER D 191 22.42 14.45 -36.21
N GLU D 192 22.47 15.64 -36.81
CA GLU D 192 23.58 16.02 -37.70
C GLU D 192 24.89 16.18 -36.93
N LEU D 193 24.89 17.10 -35.96
CA LEU D 193 26.07 17.36 -35.16
C LEU D 193 26.83 16.09 -34.86
N ASP D 194 26.12 15.11 -34.31
CA ASP D 194 26.73 13.84 -33.94
C ASP D 194 27.66 13.35 -35.02
N LEU D 195 27.12 13.09 -36.21
CA LEU D 195 27.95 12.58 -37.30
C LEU D 195 29.22 13.41 -37.48
N TYR D 196 29.08 14.73 -37.35
CA TYR D 196 30.21 15.65 -37.45
C TYR D 196 31.28 15.40 -36.40
N ILE D 197 30.91 15.38 -35.11
CA ILE D 197 31.89 15.12 -34.04
C ILE D 197 32.45 13.72 -34.14
N TRP D 198 31.57 12.78 -34.51
CA TRP D 198 32.02 11.41 -34.68
C TRP D 198 33.10 11.36 -35.75
N TYR D 199 32.85 12.02 -36.87
CA TYR D 199 33.79 12.01 -37.97
C TYR D 199 35.14 12.55 -37.53
N LEU D 200 35.15 13.69 -36.85
CA LEU D 200 36.41 14.20 -36.32
C LEU D 200 37.11 13.05 -35.64
N ARG D 201 36.45 12.57 -34.60
CA ARG D 201 37.02 11.55 -33.72
C ARG D 201 37.61 10.37 -34.49
N THR D 202 36.78 9.71 -35.30
CA THR D 202 37.25 8.53 -36.04
C THR D 202 37.80 8.93 -37.40
N GLY D 203 36.95 9.55 -38.20
CA GLY D 203 37.27 9.88 -39.57
C GLY D 203 36.38 9.09 -40.49
N LYS D 204 35.14 8.88 -40.07
CA LYS D 204 34.18 8.13 -40.86
C LYS D 204 32.75 8.55 -40.56
N VAL D 205 31.97 8.80 -41.60
CA VAL D 205 30.58 9.22 -41.44
C VAL D 205 29.64 8.02 -41.50
N LEU D 206 30.06 6.91 -40.90
CA LEU D 206 29.26 5.69 -40.89
C LEU D 206 27.84 5.97 -40.40
N LYS D 207 27.57 5.63 -39.14
CA LYS D 207 26.26 5.85 -38.55
C LYS D 207 26.01 4.88 -37.40
P 8OG E 8 7.55 -4.68 21.03
OP1 8OG E 8 8.33 -4.42 22.49
OP2 8OG E 8 6.08 -3.94 20.76
O5' 8OG E 8 8.44 -5.36 19.71
C5' 8OG E 8 9.48 -6.31 19.92
C4' 8OG E 8 10.39 -6.35 18.70
O4' 8OG E 8 11.06 -5.09 18.57
C3' 8OG E 8 11.48 -7.41 18.81
O3' 8OG E 8 11.67 -8.06 17.55
C2' 8OG E 8 12.75 -6.66 19.14
C1' 8OG E 8 12.48 -5.28 18.53
N9 8OG E 8 13.19 -4.19 19.21
C8 8OG E 8 13.40 -3.98 20.51
N7 8OG E 8 14.10 -2.87 20.80
C5 8OG E 8 14.35 -2.32 19.59
C6 8OG E 8 15.02 -1.18 19.18
O6 8OG E 8 15.54 -0.42 20.04
N1 8OG E 8 15.12 -0.89 17.87
C2 8OG E 8 14.56 -1.71 16.94
N2 8OG E 8 14.67 -1.40 15.63
N3 8OG E 8 13.91 -2.82 17.31
C4 8OG E 8 13.79 -3.15 18.62
O8 8OG E 8 12.92 -4.89 21.56
P 8OG G 8 -22.34 -5.57 -12.96
OP1 8OG G 8 -22.44 -6.05 -14.57
OP2 8OG G 8 -23.66 -5.85 -11.97
O5' 8OG G 8 -20.81 -5.14 -12.28
C5' 8OG G 8 -19.85 -4.43 -13.06
C4' 8OG G 8 -18.50 -4.50 -12.35
O4' 8OG G 8 -18.15 -5.86 -12.11
C3' 8OG G 8 -17.38 -3.89 -13.17
O3' 8OG G 8 -16.46 -3.20 -12.33
C2' 8OG G 8 -16.64 -5.09 -13.75
C1' 8OG G 8 -16.89 -6.15 -12.68
N9 8OG G 8 -16.88 -7.54 -13.22
C8 8OG G 8 -17.35 -8.00 -14.37
N7 8OG G 8 -17.20 -9.32 -14.56
C5 8OG G 8 -16.58 -9.73 -13.42
C6 8OG G 8 -16.13 -10.97 -12.98
O6 8OG G 8 -16.29 -11.99 -13.69
N1 8OG G 8 -15.53 -11.06 -11.78
C2 8OG G 8 -15.35 -9.99 -11.00
N2 8OG G 8 -14.74 -10.11 -9.80
N3 8OG G 8 -15.77 -8.77 -11.41
C4 8OG G 8 -16.38 -8.62 -12.60
O8 8OG G 8 -18.00 -7.13 -15.37
P 8OG I 8 -19.45 8.28 24.67
OP1 8OG I 8 -18.63 8.79 26.02
OP2 8OG I 8 -18.74 7.15 23.65
O5' 8OG I 8 -21.13 8.65 24.48
C5' 8OG I 8 -21.63 9.21 23.27
C4' 8OG I 8 -23.12 8.97 23.14
O4' 8OG I 8 -23.56 7.96 24.04
C3' 8OG I 8 -23.93 10.23 23.43
O3' 8OG I 8 -24.86 10.45 22.37
C2' 8OG I 8 -24.71 9.91 24.68
C1' 8OG I 8 -24.79 8.39 24.64
N9 8OG I 8 -24.98 7.76 25.98
C8 8OG I 8 -24.61 8.16 27.18
N7 8OG I 8 -24.95 7.34 28.19
C5 8OG I 8 -25.60 6.33 27.57
C6 8OG I 8 -26.20 5.16 28.01
O6 8OG I 8 -26.21 4.88 29.23
N1 8OG I 8 -26.78 4.32 27.13
C2 8OG I 8 -26.79 4.61 25.81
N2 8OG I 8 -27.37 3.75 24.94
N3 8OG I 8 -26.21 5.74 25.34
C4 8OG I 8 -25.61 6.60 26.19
O8 8OG I 8 -23.87 9.43 27.41
P 8OG K 8 33.64 2.32 -32.94
OP1 8OG K 8 33.62 1.23 -34.21
OP2 8OG K 8 34.96 3.33 -32.77
O5' 8OG K 8 32.19 2.62 -32.05
C5' 8OG K 8 32.11 2.37 -30.64
C4' 8OG K 8 30.98 3.17 -30.03
O4' 8OG K 8 30.50 4.14 -30.96
C3' 8OG K 8 29.80 2.29 -29.65
O3' 8OG K 8 29.42 2.56 -28.29
C2' 8OG K 8 28.67 2.73 -30.54
C1' 8OG K 8 29.07 4.14 -30.95
N9 8OG K 8 28.50 4.58 -32.24
C8 8OG K 8 28.33 3.90 -33.38
N7 8OG K 8 27.79 4.61 -34.38
C5 8OG K 8 27.60 5.83 -33.84
C6 8OG K 8 27.08 7.01 -34.34
O6 8OG K 8 26.67 7.08 -35.52
N1 8OG K 8 27.01 8.10 -33.55
C2 8OG K 8 27.44 8.05 -32.27
N2 8OG K 8 27.36 9.15 -31.47
N3 8OG K 8 27.95 6.92 -31.75
C4 8OG K 8 28.05 5.80 -32.51
O8 8OG K 8 28.71 2.47 -33.54
NA NA M . 22.79 -17.59 15.40
NA NA N . -3.13 2.35 -16.83
NA NA O . -36.86 19.23 21.80
NA NA P . 17.20 -1.36 -21.26
#